data_7K6M
#
_entry.id   7K6M
#
_cell.length_a   59.038
_cell.length_b   133.532
_cell.length_c   148.324
_cell.angle_alpha   90
_cell.angle_beta   90
_cell.angle_gamma   90
#
_symmetry.space_group_name_H-M   'P 21 21 21'
#
loop_
_entity.id
_entity.type
_entity.pdbx_description
1 polymer 'Phosphatidylinositol 4,5-bisphosphate 3-kinase catalytic subunit alpha isoform'
2 non-polymer "2,2-difluoroethyl (3S)-3-{[2'-amino-5-fluoro-2-(morpholin-4-yl)[4,5'-bipyrimidin]-6-yl]amino}-3-(hydroxymethyl)pyrrolidine-1-carboxylate"
3 water water
#
_entity_poly.entity_id   1
_entity_poly.type   'polypeptide(L)'
_entity_poly.pdbx_seq_one_letter_code
;GSVGNREEKILNREIGFAIGMPVCEFDMVKDPEVQDFRRNILNVCKEAVDLRDLNSPHSRAMYVYPPNVESSPELPKHIY
NKLDKGQIIVVIWVIVSPNNDKQKYTLKINHDCVPEQVIAEAIRKKTRSMLLSSEQLKLCVLEYQGKYILKVCGCDEYFL
EKYPLSQYKYIRSCIMLGRMPNLMLMAKESLYSQLPMDCFTMPSYSRRISTATPYMNGETSTKSLWVINSALRIKILCAT
YVNVNIRDIDKIYVRTGIYHGGEPLCDNVNTQRVPCSNPRWNEWLNYDIYIPDLPRAARLCLSICSVKGRKGAKEEHCPL
AWGNINLFDYTDTLVSGKMALNLWPVPHGLEDLLNPIGVTGSNPNKETPCLELEFDWFSSVVKFPDMSVIEEHANWSVSR
EAGFSYSHAGLSNRLARDNELRENDKEQLKAISTRDPLSEITEQEKDFLWSHRHYCVTIPEILPKLLLSVKWNSRDEVAQ
MYCLVKDWPPIKPEQAMELLDCNYPDPMVRGFAVRCLEKYLTDDKLSQYLIQLVQVLKYEQYLDNLLVRFLLKKALTNQR
IGHFFFWHLKSEMHNKTVSQRFGLLLESYCRACGMYLKHLNRQVEAMEKLINLTDILKQEKKDETQKVQMKFLVEQMRRP
DFMDALQGFLSPLNPAHQLGNLRLEECRIMSSAKRPLWLNWENPDIMSELLFQNNEIIFKNGDDLRQDMLTLQIIRIMEN
IWQNQGLDLRMLPYGCLSIGDCVGLIEVVRNSHTIMQIQCKGGLKGALQFNSHTLHQWLKDKNKGEIYDAAIDLFTRSCA
GYCVATFILGIGDRHNSNIMVKDDGQLFHIDFGHFLDHKKKKFGYKRERVPFVLTQDFLIVISKGAQECTKTREFERFQE
MCYKAYLAIRQHANLFINLFSMMLGSGMPELQSFDDIAYIRKTLALDKTEQEALEYFMKQMNDAHH
;
_entity_poly.pdbx_strand_id   A
#
loop_
_chem_comp.id
_chem_comp.type
_chem_comp.name
_chem_comp.formula
VXY non-polymer '2,2-difluoroethyl (3S)-3-{[2'-amino-5-fluoro-2-(morpholin-4-yl)[4,5'-bipyrimidin]-6-yl]amino}-3-(hydroxymethyl)pyrrolidine-1-carboxylate' 'C20 H25 F3 N8 O4'
#
# COMPACT_ATOMS: atom_id res chain seq x y z
N GLU A 7 -23.71 -18.06 21.15
CA GLU A 7 -24.03 -18.46 19.78
C GLU A 7 -23.52 -17.34 18.79
N GLU A 8 -24.41 -16.41 18.37
CA GLU A 8 -24.06 -15.24 17.58
C GLU A 8 -23.49 -14.16 18.54
N LYS A 9 -23.88 -14.17 19.84
CA LYS A 9 -23.35 -13.27 20.83
C LYS A 9 -21.85 -13.53 21.05
N ILE A 10 -21.39 -14.80 20.90
CA ILE A 10 -19.97 -15.14 21.05
C ILE A 10 -19.19 -14.56 19.87
N LEU A 11 -19.71 -14.77 18.64
CA LEU A 11 -19.10 -14.27 17.40
C LEU A 11 -19.04 -12.77 17.39
N ASN A 12 -20.12 -12.09 17.83
CA ASN A 12 -20.16 -10.64 17.86
C ASN A 12 -19.19 -10.02 18.86
N ARG A 13 -18.91 -10.73 19.96
CA ARG A 13 -17.97 -10.27 20.97
C ARG A 13 -16.54 -10.42 20.41
N GLU A 14 -16.29 -11.51 19.65
CA GLU A 14 -14.97 -11.73 19.05
C GLU A 14 -14.73 -10.78 17.86
N ILE A 15 -15.76 -10.48 17.05
CA ILE A 15 -15.62 -9.50 15.97
C ILE A 15 -15.33 -8.11 16.59
N GLY A 16 -16.04 -7.75 17.65
CA GLY A 16 -15.82 -6.50 18.36
C GLY A 16 -14.41 -6.32 18.87
N PHE A 17 -13.80 -7.41 19.36
CA PHE A 17 -12.41 -7.37 19.83
C PHE A 17 -11.43 -7.19 18.66
N ALA A 18 -11.75 -7.79 17.48
CA ALA A 18 -10.91 -7.69 16.28
C ALA A 18 -10.88 -6.29 15.71
N ILE A 19 -12.06 -5.65 15.52
CA ILE A 19 -12.17 -4.27 15.01
C ILE A 19 -11.73 -3.26 16.06
N GLY A 20 -11.94 -3.59 17.34
CA GLY A 20 -11.73 -2.68 18.46
C GLY A 20 -12.93 -1.76 18.64
N MET A 21 -14.14 -2.23 18.24
CA MET A 21 -15.40 -1.50 18.22
C MET A 21 -16.54 -2.50 18.45
N PRO A 22 -17.46 -2.31 19.42
CA PRO A 22 -18.56 -3.27 19.56
C PRO A 22 -19.50 -3.22 18.39
N VAL A 23 -19.96 -4.39 17.91
CA VAL A 23 -20.85 -4.58 16.77
C VAL A 23 -22.23 -3.91 17.00
N CYS A 24 -22.67 -3.82 18.26
CA CYS A 24 -23.93 -3.14 18.60
C CYS A 24 -23.90 -1.64 18.26
N GLU A 25 -22.70 -1.04 18.08
CA GLU A 25 -22.58 0.33 17.65
C GLU A 25 -23.07 0.49 16.20
N PHE A 26 -22.88 -0.54 15.34
CA PHE A 26 -23.35 -0.52 13.95
C PHE A 26 -24.88 -0.71 13.91
N ASP A 27 -25.43 -1.48 14.87
CA ASP A 27 -26.88 -1.71 14.96
C ASP A 27 -27.63 -0.42 15.31
N MET A 28 -26.98 0.46 16.11
CA MET A 28 -27.51 1.75 16.56
C MET A 28 -27.53 2.80 15.44
N VAL A 29 -26.80 2.59 14.33
CA VAL A 29 -26.75 3.58 13.26
C VAL A 29 -28.02 3.52 12.42
N LYS A 30 -28.77 4.62 12.37
CA LYS A 30 -30.04 4.65 11.66
C LYS A 30 -29.92 4.90 10.15
N ASP A 31 -28.77 5.40 9.67
CA ASP A 31 -28.51 5.67 8.24
C ASP A 31 -28.85 4.45 7.37
N PRO A 32 -29.85 4.55 6.48
CA PRO A 32 -30.23 3.37 5.66
C PRO A 32 -29.11 2.85 4.77
N GLU A 33 -28.13 3.70 4.40
CA GLU A 33 -27.02 3.27 3.59
C GLU A 33 -26.14 2.32 4.40
N VAL A 34 -25.94 2.59 5.70
CA VAL A 34 -25.18 1.73 6.57
C VAL A 34 -25.87 0.36 6.69
N GLN A 35 -27.18 0.34 7.02
CA GLN A 35 -27.92 -0.90 7.18
C GLN A 35 -28.07 -1.68 5.89
N ASP A 36 -28.23 -0.99 4.75
CA ASP A 36 -28.27 -1.66 3.47
C ASP A 36 -26.91 -2.25 3.13
N PHE A 37 -25.80 -1.59 3.51
CA PHE A 37 -24.48 -2.13 3.25
C PHE A 37 -24.27 -3.42 4.04
N ARG A 38 -24.58 -3.41 5.33
CA ARG A 38 -24.40 -4.57 6.20
C ARG A 38 -25.12 -5.81 5.72
N ARG A 39 -26.29 -5.63 5.11
CA ARG A 39 -27.05 -6.76 4.59
C ARG A 39 -26.60 -7.12 3.18
N ASN A 40 -26.42 -6.12 2.30
CA ASN A 40 -26.10 -6.42 0.91
C ASN A 40 -24.72 -6.97 0.68
N ILE A 41 -23.76 -6.63 1.54
CA ILE A 41 -22.42 -7.15 1.39
C ILE A 41 -22.34 -8.66 1.70
N LEU A 42 -23.31 -9.22 2.46
CA LEU A 42 -23.38 -10.64 2.81
C LEU A 42 -23.45 -11.55 1.59
N ASN A 43 -23.91 -11.03 0.45
CA ASN A 43 -23.94 -11.76 -0.82
C ASN A 43 -22.50 -12.07 -1.29
N VAL A 44 -21.54 -11.16 -1.00
CA VAL A 44 -20.13 -11.36 -1.34
C VAL A 44 -19.57 -12.47 -0.46
N CYS A 45 -19.96 -12.50 0.84
CA CYS A 45 -19.58 -13.51 1.81
C CYS A 45 -20.07 -14.89 1.39
N LYS A 46 -21.38 -15.03 1.02
CA LYS A 46 -21.92 -16.31 0.57
C LYS A 46 -21.22 -16.77 -0.72
N GLU A 47 -20.86 -15.86 -1.64
CA GLU A 47 -20.17 -16.26 -2.86
C GLU A 47 -18.75 -16.79 -2.57
N ALA A 48 -18.07 -16.18 -1.60
CA ALA A 48 -16.72 -16.60 -1.23
C ALA A 48 -16.75 -17.93 -0.50
N VAL A 49 -17.76 -18.12 0.36
CA VAL A 49 -17.93 -19.35 1.11
C VAL A 49 -18.26 -20.51 0.15
N ASP A 50 -19.02 -20.25 -0.93
CA ASP A 50 -19.34 -21.29 -1.92
C ASP A 50 -18.13 -21.63 -2.78
N LEU A 51 -17.31 -20.63 -3.12
CA LEU A 51 -16.11 -20.83 -3.91
C LEU A 51 -15.08 -21.69 -3.15
N ARG A 52 -15.06 -21.55 -1.81
CA ARG A 52 -14.19 -22.28 -0.89
C ARG A 52 -14.58 -23.75 -0.79
N ASP A 53 -15.85 -24.09 -1.05
CA ASP A 53 -16.31 -25.48 -0.95
C ASP A 53 -16.52 -26.18 -2.32
N LEU A 54 -16.27 -25.48 -3.43
CA LEU A 54 -16.43 -26.02 -4.78
C LEU A 54 -15.77 -27.42 -4.96
N ASN A 55 -14.44 -27.49 -4.76
CA ASN A 55 -13.69 -28.75 -4.85
C ASN A 55 -13.17 -29.04 -3.45
N SER A 56 -14.06 -29.02 -2.45
CA SER A 56 -13.64 -29.29 -1.07
C SER A 56 -13.16 -30.75 -0.95
N PRO A 57 -12.09 -31.01 -0.17
CA PRO A 57 -11.35 -30.08 0.68
C PRO A 57 -10.13 -29.45 0.04
N HIS A 58 -9.86 -29.70 -1.25
CA HIS A 58 -8.67 -29.15 -1.88
C HIS A 58 -8.76 -27.63 -2.06
N SER A 59 -9.94 -27.15 -2.43
CA SER A 59 -10.21 -25.72 -2.63
C SER A 59 -10.18 -24.98 -1.28
N ARG A 60 -10.59 -25.64 -0.19
CA ARG A 60 -10.55 -25.08 1.17
C ARG A 60 -9.08 -24.96 1.64
N ALA A 61 -8.27 -25.98 1.33
CA ALA A 61 -6.86 -26.00 1.67
C ALA A 61 -6.13 -24.90 0.93
N MET A 62 -6.48 -24.64 -0.33
CA MET A 62 -5.86 -23.57 -1.09
C MET A 62 -6.38 -22.16 -0.72
N TYR A 63 -7.46 -22.06 0.06
CA TYR A 63 -7.94 -20.79 0.57
C TYR A 63 -7.05 -20.46 1.78
N VAL A 64 -6.88 -21.42 2.72
CA VAL A 64 -6.09 -21.24 3.93
C VAL A 64 -4.61 -21.16 3.63
N TYR A 65 -4.14 -21.98 2.69
CA TYR A 65 -2.73 -22.05 2.27
C TYR A 65 -2.59 -21.87 0.77
N PRO A 66 -2.82 -20.65 0.28
CA PRO A 66 -2.70 -20.40 -1.15
C PRO A 66 -1.27 -20.45 -1.64
N PRO A 67 -1.06 -20.80 -2.91
CA PRO A 67 0.31 -20.84 -3.44
C PRO A 67 0.93 -19.46 -3.53
N ASN A 68 2.14 -19.29 -2.98
CA ASN A 68 2.88 -18.03 -2.99
C ASN A 68 3.79 -18.05 -4.20
N VAL A 69 3.26 -17.65 -5.34
CA VAL A 69 3.95 -17.69 -6.61
C VAL A 69 4.16 -16.30 -7.21
N GLU A 70 5.12 -16.22 -8.14
CA GLU A 70 5.36 -15.05 -8.98
C GLU A 70 4.28 -15.05 -10.07
N SER A 71 4.08 -13.91 -10.74
CA SER A 71 3.03 -13.82 -11.76
C SER A 71 3.34 -14.57 -13.05
N SER A 72 4.64 -14.78 -13.35
CA SER A 72 5.01 -15.46 -14.59
C SER A 72 5.95 -16.63 -14.40
N PRO A 73 5.74 -17.72 -15.15
CA PRO A 73 6.69 -18.83 -15.10
C PRO A 73 8.02 -18.53 -15.82
N GLU A 74 8.04 -17.51 -16.70
CA GLU A 74 9.23 -17.13 -17.43
C GLU A 74 10.33 -16.64 -16.51
N LEU A 75 11.49 -17.24 -16.65
CA LEU A 75 12.65 -16.87 -15.86
C LEU A 75 13.52 -16.02 -16.76
N PRO A 76 13.95 -14.82 -16.33
CA PRO A 76 14.88 -14.03 -17.16
C PRO A 76 16.16 -14.82 -17.46
N LYS A 77 16.74 -14.65 -18.66
CA LYS A 77 17.91 -15.41 -19.11
C LYS A 77 19.04 -15.53 -18.07
N HIS A 78 19.22 -14.48 -17.23
CA HIS A 78 20.26 -14.45 -16.19
C HIS A 78 19.91 -15.25 -14.93
N ILE A 79 18.62 -15.55 -14.72
CA ILE A 79 18.20 -16.40 -13.60
C ILE A 79 18.25 -17.88 -14.05
N TYR A 80 17.92 -18.15 -15.34
CA TYR A 80 18.03 -19.49 -15.93
C TYR A 80 19.51 -19.94 -15.93
N ASN A 81 20.48 -19.00 -16.01
CA ASN A 81 21.91 -19.29 -15.98
C ASN A 81 22.40 -19.71 -14.58
N LYS A 82 21.64 -19.38 -13.52
CA LYS A 82 21.99 -19.79 -12.15
C LYS A 82 21.74 -21.32 -11.94
N LEU A 83 20.88 -21.91 -12.78
CA LEU A 83 20.57 -23.33 -12.77
C LEU A 83 21.70 -24.13 -13.46
N ASP A 84 21.74 -25.44 -13.21
CA ASP A 84 22.69 -26.37 -13.80
C ASP A 84 21.97 -27.03 -15.00
N LYS A 85 22.18 -26.49 -16.21
CA LYS A 85 21.54 -26.99 -17.42
C LYS A 85 20.00 -27.06 -17.29
N GLY A 86 19.41 -26.01 -16.72
CA GLY A 86 17.96 -25.88 -16.53
C GLY A 86 17.37 -26.74 -15.44
N GLN A 87 18.21 -27.24 -14.53
CA GLN A 87 17.79 -28.13 -13.45
C GLN A 87 18.16 -27.57 -12.09
N ILE A 88 17.35 -27.92 -11.07
CA ILE A 88 17.58 -27.46 -9.69
C ILE A 88 17.75 -28.65 -8.72
N ILE A 89 18.60 -28.48 -7.71
CA ILE A 89 18.79 -29.46 -6.66
C ILE A 89 17.91 -29.07 -5.46
N VAL A 90 17.02 -29.98 -5.05
CA VAL A 90 16.08 -29.75 -3.95
C VAL A 90 16.19 -30.90 -2.92
N VAL A 91 16.05 -30.58 -1.64
CA VAL A 91 16.10 -31.59 -0.59
C VAL A 91 14.69 -31.85 -0.11
N ILE A 92 14.26 -33.12 -0.16
CA ILE A 92 12.95 -33.52 0.28
C ILE A 92 13.08 -34.26 1.59
N TRP A 93 12.46 -33.75 2.63
CA TRP A 93 12.52 -34.31 3.95
C TRP A 93 11.30 -35.15 4.28
N VAL A 94 11.46 -36.12 5.17
CA VAL A 94 10.38 -37.01 5.60
C VAL A 94 10.55 -37.24 7.12
N ILE A 95 9.45 -37.27 7.88
CA ILE A 95 9.53 -37.63 9.30
C ILE A 95 9.04 -39.06 9.34
N VAL A 96 9.92 -39.99 9.72
CA VAL A 96 9.62 -41.42 9.56
C VAL A 96 8.84 -42.08 10.70
N SER A 97 9.05 -41.70 11.97
CA SER A 97 8.34 -42.29 13.12
C SER A 97 8.36 -43.85 13.12
N PRO A 98 8.76 -44.50 14.23
CA PRO A 98 9.09 -43.92 15.55
C PRO A 98 10.34 -43.05 15.57
N ASN A 99 10.66 -42.48 16.75
CA ASN A 99 11.81 -41.60 17.00
C ASN A 99 11.70 -40.24 16.28
N ASN A 100 10.77 -40.11 15.30
CA ASN A 100 10.54 -38.91 14.50
C ASN A 100 11.80 -38.43 13.80
N ASP A 101 12.54 -39.39 13.22
CA ASP A 101 13.78 -39.10 12.54
C ASP A 101 13.58 -38.28 11.27
N LYS A 102 14.49 -37.34 11.06
CA LYS A 102 14.45 -36.49 9.89
C LYS A 102 15.32 -37.12 8.82
N GLN A 103 14.70 -37.61 7.74
CA GLN A 103 15.42 -38.20 6.64
C GLN A 103 15.32 -37.35 5.40
N LYS A 104 16.43 -37.08 4.75
CA LYS A 104 16.46 -36.27 3.55
C LYS A 104 16.76 -37.11 2.31
N TYR A 105 16.24 -36.67 1.16
CA TYR A 105 16.43 -37.30 -0.15
C TYR A 105 16.68 -36.15 -1.11
N THR A 106 17.87 -36.10 -1.69
CA THR A 106 18.28 -35.01 -2.56
C THR A 106 17.92 -35.33 -4.01
N LEU A 107 17.24 -34.39 -4.68
CA LEU A 107 16.83 -34.57 -6.06
C LEU A 107 17.50 -33.52 -6.94
N LYS A 108 17.62 -33.83 -8.25
CA LYS A 108 18.11 -32.91 -9.27
C LYS A 108 17.05 -33.04 -10.35
N ILE A 109 16.15 -32.05 -10.42
CA ILE A 109 15.00 -32.08 -11.31
C ILE A 109 14.91 -30.84 -12.18
N ASN A 110 14.09 -30.87 -13.24
CA ASN A 110 13.91 -29.69 -14.10
C ASN A 110 13.26 -28.57 -13.30
N HIS A 111 13.77 -27.34 -13.41
CA HIS A 111 13.26 -26.18 -12.67
C HIS A 111 11.73 -26.01 -12.78
N ASP A 112 11.14 -26.45 -13.90
CA ASP A 112 9.72 -26.29 -14.13
C ASP A 112 8.89 -27.50 -13.78
N CYS A 113 9.42 -28.42 -12.98
CA CYS A 113 8.66 -29.61 -12.55
C CYS A 113 7.50 -29.18 -11.68
N VAL A 114 6.31 -29.74 -11.91
CA VAL A 114 5.15 -29.42 -11.06
C VAL A 114 5.26 -30.16 -9.72
N PRO A 115 4.62 -29.69 -8.62
CA PRO A 115 4.79 -30.38 -7.32
C PRO A 115 4.61 -31.90 -7.35
N GLU A 116 3.67 -32.44 -8.13
CA GLU A 116 3.44 -33.88 -8.17
C GLU A 116 4.59 -34.63 -8.85
N GLN A 117 5.30 -33.99 -9.79
CA GLN A 117 6.47 -34.63 -10.43
C GLN A 117 7.64 -34.70 -9.43
N VAL A 118 7.75 -33.71 -8.53
CA VAL A 118 8.75 -33.67 -7.49
C VAL A 118 8.46 -34.77 -6.48
N ILE A 119 7.18 -34.91 -6.08
CA ILE A 119 6.75 -35.92 -5.12
C ILE A 119 7.04 -37.33 -5.63
N ALA A 120 6.69 -37.60 -6.91
CA ALA A 120 6.91 -38.90 -7.55
C ALA A 120 8.40 -39.27 -7.55
N GLU A 121 9.27 -38.29 -7.80
CA GLU A 121 10.72 -38.50 -7.83
C GLU A 121 11.30 -38.73 -6.42
N ALA A 122 10.64 -38.21 -5.38
CA ALA A 122 11.04 -38.39 -3.99
C ALA A 122 10.62 -39.78 -3.53
N ILE A 123 9.41 -40.24 -3.93
CA ILE A 123 8.91 -41.57 -3.62
C ILE A 123 9.85 -42.61 -4.26
N ARG A 124 10.30 -42.35 -5.51
CA ARG A 124 11.25 -43.20 -6.25
C ARG A 124 12.58 -43.31 -5.50
N LYS A 125 13.18 -42.16 -5.10
CA LYS A 125 14.44 -42.13 -4.39
C LYS A 125 14.33 -42.75 -3.00
N LYS A 126 13.15 -42.65 -2.36
CA LYS A 126 12.97 -43.23 -1.03
C LYS A 126 12.79 -44.75 -1.13
N THR A 127 11.92 -45.22 -2.05
CA THR A 127 11.68 -46.66 -2.26
C THR A 127 12.95 -47.40 -2.72
N ARG A 128 13.87 -46.70 -3.40
CA ARG A 128 15.12 -47.33 -3.81
C ARG A 128 15.98 -47.50 -2.57
N SER A 129 15.92 -48.69 -1.95
CA SER A 129 16.70 -49.00 -0.74
C SER A 129 17.02 -50.51 -0.67
N GLN A 145 -0.25 -43.44 -3.97
CA GLN A 145 0.48 -42.76 -5.06
C GLN A 145 0.34 -41.20 -5.00
N GLY A 146 -0.85 -40.64 -5.23
CA GLY A 146 -1.07 -39.20 -5.18
C GLY A 146 -1.66 -38.69 -3.87
N LYS A 147 -1.18 -39.24 -2.74
CA LYS A 147 -1.67 -38.90 -1.41
C LYS A 147 -0.75 -37.97 -0.61
N TYR A 148 0.19 -37.28 -1.28
CA TYR A 148 1.14 -36.42 -0.56
C TYR A 148 1.15 -34.99 -1.08
N ILE A 149 1.67 -34.08 -0.22
CA ILE A 149 1.84 -32.66 -0.50
C ILE A 149 3.23 -32.21 -0.05
N LEU A 150 3.71 -31.09 -0.61
CA LEU A 150 4.99 -30.50 -0.23
C LEU A 150 4.73 -29.22 0.56
N LYS A 151 5.48 -29.05 1.63
CA LYS A 151 5.45 -27.91 2.54
C LYS A 151 6.89 -27.34 2.61
N VAL A 152 7.06 -26.02 2.80
CA VAL A 152 8.39 -25.43 2.95
C VAL A 152 8.84 -25.79 4.37
N CYS A 153 10.09 -26.29 4.53
CA CYS A 153 10.60 -26.61 5.87
C CYS A 153 10.74 -25.34 6.67
N GLY A 154 10.19 -25.33 7.88
CA GLY A 154 10.32 -24.19 8.77
C GLY A 154 9.15 -23.23 8.86
N CYS A 155 8.18 -23.32 7.94
CA CYS A 155 7.02 -22.42 7.94
C CYS A 155 5.82 -23.06 7.28
N ASP A 156 4.62 -22.54 7.61
CA ASP A 156 3.38 -23.05 7.08
C ASP A 156 3.06 -22.53 5.68
N GLU A 157 3.88 -22.93 4.71
CA GLU A 157 3.70 -22.57 3.31
C GLU A 157 3.66 -23.87 2.50
N TYR A 158 2.60 -24.09 1.73
CA TYR A 158 2.43 -25.31 0.97
C TYR A 158 2.46 -25.09 -0.52
N PHE A 159 2.76 -26.18 -1.28
CA PHE A 159 2.82 -26.21 -2.73
C PHE A 159 1.63 -27.04 -3.22
N LEU A 160 0.40 -26.57 -2.95
CA LEU A 160 -0.82 -27.32 -3.32
C LEU A 160 -1.27 -27.18 -4.78
N GLU A 161 -0.63 -26.28 -5.56
CA GLU A 161 -1.05 -26.05 -6.93
C GLU A 161 -0.02 -26.49 -7.98
N LYS A 162 -0.51 -26.92 -9.16
CA LYS A 162 0.22 -27.42 -10.32
C LYS A 162 1.02 -26.35 -11.09
N TYR A 163 1.72 -25.49 -10.38
CA TYR A 163 2.60 -24.48 -10.95
C TYR A 163 3.97 -25.11 -11.13
N PRO A 164 4.79 -24.63 -12.11
CA PRO A 164 6.19 -25.10 -12.16
C PRO A 164 6.90 -24.69 -10.86
N LEU A 165 7.72 -25.60 -10.30
CA LEU A 165 8.42 -25.42 -9.02
C LEU A 165 9.11 -24.07 -8.88
N SER A 166 9.84 -23.64 -9.92
CA SER A 166 10.56 -22.36 -9.94
C SER A 166 9.63 -21.11 -9.89
N GLN A 167 8.32 -21.27 -10.12
CA GLN A 167 7.40 -20.12 -10.03
C GLN A 167 7.03 -19.77 -8.59
N TYR A 168 7.16 -20.74 -7.66
CA TYR A 168 6.93 -20.50 -6.25
C TYR A 168 8.02 -19.58 -5.76
N LYS A 169 7.62 -18.48 -5.09
CA LYS A 169 8.52 -17.44 -4.59
C LYS A 169 9.66 -18.01 -3.77
N TYR A 170 9.40 -19.04 -2.93
CA TYR A 170 10.46 -19.64 -2.13
C TYR A 170 11.52 -20.31 -3.03
N ILE A 171 11.09 -21.03 -4.10
CA ILE A 171 12.04 -21.70 -4.99
C ILE A 171 12.77 -20.67 -5.83
N ARG A 172 12.03 -19.66 -6.36
CA ARG A 172 12.56 -18.53 -7.15
C ARG A 172 13.62 -17.79 -6.33
N SER A 173 13.32 -17.54 -5.05
CA SER A 173 14.24 -16.91 -4.12
C SER A 173 15.51 -17.77 -3.94
N CYS A 174 15.35 -19.09 -3.72
CA CYS A 174 16.47 -20.04 -3.57
C CYS A 174 17.40 -20.02 -4.80
N ILE A 175 16.85 -20.07 -6.02
CA ILE A 175 17.64 -20.00 -7.26
C ILE A 175 18.49 -18.71 -7.30
N MET A 176 17.87 -17.55 -7.10
CA MET A 176 18.53 -16.25 -7.11
C MET A 176 19.51 -16.03 -5.97
N LEU A 177 19.22 -16.58 -4.80
CA LEU A 177 20.09 -16.41 -3.63
C LEU A 177 21.12 -17.53 -3.46
N GLY A 178 21.26 -18.41 -4.46
CA GLY A 178 22.18 -19.54 -4.40
C GLY A 178 21.94 -20.53 -3.28
N ARG A 179 20.73 -20.58 -2.71
CA ARG A 179 20.40 -21.48 -1.60
C ARG A 179 19.73 -22.79 -2.06
N MET A 180 19.77 -23.82 -1.19
CA MET A 180 19.14 -25.10 -1.51
C MET A 180 17.73 -25.20 -0.94
N PRO A 181 16.74 -25.50 -1.77
CA PRO A 181 15.37 -25.65 -1.25
C PRO A 181 15.20 -26.86 -0.32
N ASN A 182 14.57 -26.64 0.81
CA ASN A 182 14.28 -27.69 1.77
C ASN A 182 12.80 -27.75 1.89
N LEU A 183 12.24 -28.82 1.35
CA LEU A 183 10.81 -29.07 1.37
C LEU A 183 10.53 -30.29 2.22
N MET A 184 9.33 -30.39 2.72
CA MET A 184 8.91 -31.50 3.55
C MET A 184 7.74 -32.24 2.89
N LEU A 185 7.88 -33.55 2.75
CA LEU A 185 6.85 -34.43 2.19
C LEU A 185 5.86 -34.74 3.31
N MET A 186 4.58 -34.48 3.08
CA MET A 186 3.55 -34.64 4.09
C MET A 186 2.32 -35.36 3.53
N ALA A 187 1.64 -36.13 4.37
CA ALA A 187 0.43 -36.82 3.96
C ALA A 187 -0.67 -35.80 3.76
N LYS A 188 -1.39 -35.89 2.64
CA LYS A 188 -2.51 -35.02 2.28
C LYS A 188 -3.56 -35.00 3.41
N GLU A 189 -3.81 -36.18 4.02
CA GLU A 189 -4.76 -36.34 5.12
C GLU A 189 -4.34 -35.56 6.35
N SER A 190 -3.04 -35.51 6.67
CA SER A 190 -2.52 -34.78 7.83
C SER A 190 -2.95 -33.30 7.80
N LEU A 191 -2.90 -32.68 6.61
CA LEU A 191 -3.29 -31.29 6.45
C LEU A 191 -4.81 -31.13 6.40
N TYR A 192 -5.50 -31.81 5.46
CA TYR A 192 -6.94 -31.75 5.24
C TYR A 192 -7.77 -32.01 6.47
N SER A 193 -7.34 -32.93 7.32
CA SER A 193 -8.03 -33.27 8.57
C SER A 193 -7.99 -32.12 9.57
N GLN A 194 -6.97 -31.25 9.50
CA GLN A 194 -6.80 -30.10 10.37
C GLN A 194 -7.52 -28.83 9.87
N LEU A 195 -8.17 -28.87 8.69
CA LEU A 195 -8.90 -27.72 8.18
C LEU A 195 -10.25 -27.69 8.85
N PRO A 196 -10.57 -26.58 9.53
CA PRO A 196 -11.86 -26.51 10.22
C PRO A 196 -13.03 -26.42 9.24
N MET A 197 -14.19 -26.90 9.67
CA MET A 197 -15.41 -26.85 8.86
C MET A 197 -15.92 -25.39 8.75
N ASP A 198 -16.56 -25.06 7.61
CA ASP A 198 -17.09 -23.73 7.31
C ASP A 198 -18.12 -23.25 8.35
N CYS A 199 -17.83 -22.11 8.98
CA CYS A 199 -18.69 -21.58 10.02
C CYS A 199 -19.39 -20.28 9.65
N PHE A 200 -19.51 -19.95 8.32
CA PHE A 200 -20.22 -18.71 7.96
C PHE A 200 -21.69 -18.89 8.26
N THR A 201 -22.21 -18.01 9.10
CA THR A 201 -23.62 -18.05 9.45
C THR A 201 -24.21 -16.66 9.22
N MET A 202 -25.33 -16.58 8.50
CA MET A 202 -26.01 -15.32 8.21
C MET A 202 -26.40 -14.61 9.51
N PRO A 203 -26.01 -13.34 9.67
CA PRO A 203 -26.32 -12.63 10.93
C PRO A 203 -27.79 -12.28 11.05
N SER A 204 -28.23 -12.01 12.29
CA SER A 204 -29.64 -11.68 12.56
C SER A 204 -30.13 -10.40 11.87
N TYR A 205 -29.25 -9.41 11.64
CA TYR A 205 -29.66 -8.18 10.96
C TYR A 205 -29.98 -8.37 9.46
N SER A 206 -29.92 -9.60 8.93
CA SER A 206 -30.24 -9.86 7.54
C SER A 206 -31.62 -10.53 7.36
N THR A 222 -41.47 8.34 -9.57
CA THR A 222 -40.31 9.22 -9.56
C THR A 222 -40.15 10.10 -10.81
N LYS A 223 -39.57 11.27 -10.63
CA LYS A 223 -39.26 12.17 -11.72
C LYS A 223 -37.82 11.89 -12.16
N SER A 224 -37.46 12.28 -13.37
CA SER A 224 -36.08 12.16 -13.81
C SER A 224 -35.35 13.47 -13.49
N LEU A 225 -34.05 13.42 -13.19
CA LEU A 225 -33.24 14.62 -12.93
C LEU A 225 -33.34 15.61 -14.09
N TRP A 226 -33.41 15.08 -15.29
CA TRP A 226 -33.41 15.78 -16.55
C TRP A 226 -34.75 16.46 -16.92
N VAL A 227 -35.83 16.26 -16.14
CA VAL A 227 -37.09 16.99 -16.38
C VAL A 227 -37.21 18.26 -15.51
N ILE A 228 -36.20 18.55 -14.63
CA ILE A 228 -36.17 19.73 -13.75
C ILE A 228 -35.36 20.79 -14.47
N ASN A 229 -35.98 21.82 -15.08
CA ASN A 229 -35.23 22.80 -15.86
C ASN A 229 -34.78 24.06 -15.07
N SER A 230 -34.59 23.95 -13.74
CA SER A 230 -34.15 25.08 -12.93
C SER A 230 -32.66 25.01 -12.52
N ALA A 231 -32.06 26.17 -12.19
CA ALA A 231 -30.69 26.20 -11.71
C ALA A 231 -30.66 25.75 -10.23
N LEU A 232 -29.55 25.17 -9.79
CA LEU A 232 -29.42 24.67 -8.43
C LEU A 232 -29.36 25.79 -7.39
N ARG A 233 -30.08 25.61 -6.29
CA ARG A 233 -30.04 26.52 -5.16
C ARG A 233 -30.01 25.65 -3.87
N ILE A 234 -29.25 26.08 -2.85
CA ILE A 234 -29.19 25.36 -1.58
C ILE A 234 -29.34 26.38 -0.45
N LYS A 235 -30.20 26.12 0.54
CA LYS A 235 -30.37 27.04 1.65
C LYS A 235 -29.43 26.70 2.79
N ILE A 236 -28.70 27.71 3.30
CA ILE A 236 -27.85 27.57 4.48
C ILE A 236 -28.65 28.21 5.64
N LEU A 237 -29.09 27.38 6.55
CA LEU A 237 -29.90 27.80 7.68
C LEU A 237 -29.06 28.37 8.82
N CYS A 238 -28.47 27.53 9.65
CA CYS A 238 -27.78 27.98 10.83
C CYS A 238 -26.71 26.97 11.23
N ALA A 239 -25.80 27.41 12.09
CA ALA A 239 -24.77 26.54 12.64
C ALA A 239 -24.91 26.51 14.17
N THR A 240 -24.66 25.35 14.77
CA THR A 240 -24.57 25.18 16.22
C THR A 240 -23.14 24.66 16.52
N TYR A 241 -22.73 24.73 17.78
CA TYR A 241 -21.40 24.33 18.23
C TYR A 241 -20.27 25.15 17.59
N VAL A 242 -20.53 26.45 17.31
CA VAL A 242 -19.53 27.40 16.83
C VAL A 242 -19.46 28.62 17.77
N ASN A 243 -18.52 28.60 18.73
CA ASN A 243 -18.37 29.73 19.65
C ASN A 243 -17.42 30.81 19.06
N ILE A 249 -12.24 36.83 16.62
CA ILE A 249 -12.72 36.64 15.25
C ILE A 249 -13.67 37.77 14.89
N ASP A 250 -13.46 38.40 13.73
CA ASP A 250 -14.34 39.49 13.31
C ASP A 250 -15.67 38.92 12.82
N LYS A 251 -15.64 38.12 11.75
CA LYS A 251 -16.86 37.60 11.15
C LYS A 251 -16.68 36.14 10.72
N ILE A 252 -17.79 35.44 10.55
CA ILE A 252 -17.85 34.06 10.14
C ILE A 252 -18.77 33.92 8.93
N TYR A 253 -18.41 33.07 7.97
CA TYR A 253 -19.26 32.81 6.83
C TYR A 253 -19.15 31.37 6.36
N VAL A 254 -20.14 30.91 5.59
CA VAL A 254 -20.11 29.59 5.01
C VAL A 254 -19.67 29.72 3.56
N ARG A 255 -18.56 29.06 3.20
CA ARG A 255 -18.07 28.99 1.84
C ARG A 255 -18.60 27.67 1.23
N THR A 256 -19.19 27.70 0.02
CA THR A 256 -19.76 26.51 -0.61
C THR A 256 -19.32 26.38 -2.08
N GLY A 257 -19.38 25.18 -2.62
CA GLY A 257 -19.03 24.94 -4.01
C GLY A 257 -19.54 23.62 -4.51
N ILE A 258 -19.80 23.53 -5.82
CA ILE A 258 -20.24 22.27 -6.42
C ILE A 258 -18.99 21.69 -7.11
N TYR A 259 -18.59 20.49 -6.73
CA TYR A 259 -17.36 19.89 -7.24
C TYR A 259 -17.61 18.48 -7.80
N HIS A 260 -16.65 17.98 -8.60
CA HIS A 260 -16.61 16.65 -9.18
C HIS A 260 -15.15 16.32 -9.18
N GLY A 261 -14.75 15.43 -8.29
CA GLY A 261 -13.35 15.05 -8.16
C GLY A 261 -12.33 16.17 -8.08
N GLY A 262 -12.48 17.02 -7.09
CA GLY A 262 -11.52 18.10 -6.88
C GLY A 262 -11.65 19.28 -7.83
N GLU A 263 -12.52 19.17 -8.86
CA GLU A 263 -12.69 20.26 -9.82
C GLU A 263 -14.05 20.95 -9.63
N PRO A 264 -14.06 22.28 -9.51
CA PRO A 264 -15.35 22.98 -9.36
C PRO A 264 -16.19 22.99 -10.63
N LEU A 265 -17.48 22.66 -10.51
CA LEU A 265 -18.42 22.64 -11.62
C LEU A 265 -19.04 24.01 -11.95
N CYS A 266 -18.91 24.97 -11.06
CA CYS A 266 -19.39 26.35 -11.19
C CYS A 266 -18.57 27.22 -10.19
N ASP A 267 -18.84 28.53 -10.09
CA ASP A 267 -18.12 29.39 -9.15
C ASP A 267 -18.54 29.08 -7.73
N ASN A 268 -17.65 29.33 -6.77
CA ASN A 268 -17.99 29.15 -5.37
C ASN A 268 -18.98 30.25 -4.92
N VAL A 269 -19.88 29.93 -3.99
CA VAL A 269 -20.87 30.88 -3.50
C VAL A 269 -20.77 30.92 -1.98
N ASN A 270 -20.68 32.13 -1.40
CA ASN A 270 -20.58 32.31 0.05
C ASN A 270 -21.84 32.92 0.63
N THR A 271 -22.13 32.63 1.90
CA THR A 271 -23.22 33.30 2.61
C THR A 271 -22.68 34.70 3.06
N GLN A 272 -23.54 35.54 3.63
CA GLN A 272 -23.11 36.83 4.16
C GLN A 272 -22.28 36.59 5.43
N ARG A 273 -21.35 37.50 5.73
CA ARG A 273 -20.54 37.39 6.94
C ARG A 273 -21.37 37.83 8.14
N VAL A 274 -21.33 37.06 9.23
CA VAL A 274 -22.09 37.36 10.42
C VAL A 274 -21.12 37.40 11.62
N PRO A 275 -21.36 38.25 12.65
CA PRO A 275 -20.44 38.25 13.81
C PRO A 275 -20.64 36.94 14.57
N CYS A 276 -19.53 36.17 14.70
CA CYS A 276 -19.37 34.84 15.29
C CYS A 276 -20.52 34.36 16.23
N SER A 277 -20.92 35.17 17.22
CA SER A 277 -21.95 34.79 18.19
C SER A 277 -23.23 34.28 17.53
N ASN A 278 -23.72 34.98 16.49
CA ASN A 278 -24.95 34.57 15.81
C ASN A 278 -24.74 33.91 14.42
N PRO A 279 -24.65 32.56 14.33
CA PRO A 279 -24.43 31.94 13.03
C PRO A 279 -25.75 31.45 12.45
N ARG A 280 -26.65 32.38 12.23
CA ARG A 280 -27.93 32.12 11.59
C ARG A 280 -27.80 32.88 10.27
N TRP A 281 -27.96 32.20 9.15
CA TRP A 281 -27.87 32.84 7.85
C TRP A 281 -29.17 32.84 7.17
N ASN A 282 -29.96 31.74 7.27
CA ASN A 282 -31.28 31.54 6.64
C ASN A 282 -31.32 32.12 5.22
N GLU A 283 -30.33 31.75 4.43
CA GLU A 283 -30.08 32.31 3.11
C GLU A 283 -29.96 31.25 2.02
N TRP A 284 -30.75 31.40 0.93
CA TRP A 284 -30.66 30.54 -0.24
C TRP A 284 -29.44 30.97 -1.05
N LEU A 285 -28.59 30.02 -1.40
CA LEU A 285 -27.40 30.26 -2.20
C LEU A 285 -27.74 29.76 -3.61
N ASN A 286 -27.46 30.57 -4.64
CA ASN A 286 -27.81 30.22 -6.00
C ASN A 286 -26.55 29.91 -6.78
N TYR A 287 -26.53 28.75 -7.46
CA TYR A 287 -25.35 28.36 -8.22
C TYR A 287 -25.57 28.52 -9.72
N ASP A 288 -24.48 28.85 -10.47
CA ASP A 288 -24.65 28.97 -11.92
C ASP A 288 -24.38 27.60 -12.58
N ILE A 289 -25.33 26.69 -12.36
CA ILE A 289 -25.38 25.35 -12.90
C ILE A 289 -26.86 24.91 -12.86
N TYR A 290 -27.36 24.32 -13.96
CA TYR A 290 -28.74 23.87 -14.01
C TYR A 290 -28.80 22.42 -13.51
N ILE A 291 -29.84 22.06 -12.73
CA ILE A 291 -30.05 20.71 -12.18
C ILE A 291 -29.77 19.55 -13.20
N PRO A 292 -30.26 19.56 -14.48
CA PRO A 292 -29.96 18.46 -15.40
C PRO A 292 -28.48 18.31 -15.76
N ASP A 293 -27.69 19.39 -15.63
CA ASP A 293 -26.26 19.34 -15.94
C ASP A 293 -25.40 18.80 -14.76
N LEU A 294 -26.04 18.39 -13.64
CA LEU A 294 -25.32 17.83 -12.51
C LEU A 294 -24.82 16.41 -12.82
N PRO A 295 -23.49 16.17 -12.80
CA PRO A 295 -22.99 14.81 -13.02
C PRO A 295 -23.35 13.90 -11.83
N ARG A 296 -23.38 12.58 -12.05
CA ARG A 296 -23.75 11.58 -11.03
C ARG A 296 -22.93 11.69 -9.71
N ALA A 297 -21.62 12.04 -9.81
CA ALA A 297 -20.75 12.15 -8.63
C ALA A 297 -20.58 13.58 -8.09
N ALA A 298 -21.51 14.48 -8.43
CA ALA A 298 -21.43 15.86 -8.00
C ALA A 298 -21.59 15.94 -6.48
N ARG A 299 -20.77 16.78 -5.86
CA ARG A 299 -20.75 17.00 -4.43
C ARG A 299 -20.90 18.49 -4.08
N LEU A 300 -21.46 18.74 -2.89
CA LEU A 300 -21.49 20.06 -2.30
C LEU A 300 -20.33 20.06 -1.30
N CYS A 301 -19.41 21.04 -1.40
CA CYS A 301 -18.28 21.16 -0.50
C CYS A 301 -18.47 22.44 0.29
N LEU A 302 -18.59 22.31 1.62
CA LEU A 302 -18.85 23.38 2.58
C LEU A 302 -17.65 23.68 3.46
N SER A 303 -17.69 24.81 4.11
CA SER A 303 -16.65 25.26 5.01
C SER A 303 -17.21 26.44 5.83
N ILE A 304 -16.83 26.53 7.11
CA ILE A 304 -17.13 27.69 7.93
C ILE A 304 -15.82 28.43 8.02
N CYS A 305 -15.75 29.62 7.44
CA CYS A 305 -14.52 30.39 7.40
C CYS A 305 -14.60 31.62 8.25
N SER A 306 -13.44 32.04 8.70
CA SER A 306 -13.22 33.19 9.54
C SER A 306 -12.62 34.31 8.67
N VAL A 307 -12.97 35.57 8.99
CA VAL A 307 -12.39 36.74 8.34
C VAL A 307 -11.78 37.62 9.41
N LYS A 308 -10.53 38.02 9.20
CA LYS A 308 -9.84 38.88 10.14
C LYS A 308 -9.24 40.04 9.36
N GLY A 309 -9.64 41.24 9.75
CA GLY A 309 -9.15 42.48 9.16
C GLY A 309 -8.03 43.02 10.02
N ARG A 310 -6.79 42.97 9.49
CA ARG A 310 -5.60 43.44 10.20
C ARG A 310 -5.31 44.92 9.95
N LYS A 314 -4.95 43.70 4.43
CA LYS A 314 -5.20 42.45 3.70
C LYS A 314 -6.02 41.40 4.50
N GLU A 315 -7.33 41.24 4.17
CA GLU A 315 -8.27 40.30 4.81
C GLU A 315 -7.71 38.88 4.93
N GLU A 316 -7.58 38.40 6.16
CA GLU A 316 -7.08 37.07 6.43
C GLU A 316 -8.26 36.07 6.56
N HIS A 317 -8.38 35.12 5.60
CA HIS A 317 -9.44 34.10 5.60
C HIS A 317 -8.92 32.74 6.11
N CYS A 318 -9.61 32.10 7.08
CA CYS A 318 -9.19 30.79 7.63
C CYS A 318 -10.37 29.84 7.74
N PRO A 319 -10.23 28.58 7.26
CA PRO A 319 -11.32 27.62 7.45
C PRO A 319 -11.29 27.07 8.87
N LEU A 320 -12.44 27.00 9.51
CA LEU A 320 -12.58 26.50 10.86
C LEU A 320 -13.03 25.04 10.93
N ALA A 321 -13.76 24.59 9.92
CA ALA A 321 -14.35 23.27 9.85
C ALA A 321 -14.86 23.06 8.42
N TRP A 322 -14.93 21.80 7.97
CA TRP A 322 -15.34 21.50 6.59
C TRP A 322 -16.22 20.24 6.54
N GLY A 323 -16.97 20.11 5.47
CA GLY A 323 -17.83 18.98 5.26
C GLY A 323 -18.27 18.94 3.83
N ASN A 324 -18.35 17.72 3.25
CA ASN A 324 -18.77 17.52 1.86
C ASN A 324 -20.00 16.62 1.84
N ILE A 325 -20.92 16.88 0.90
CA ILE A 325 -22.14 16.11 0.79
C ILE A 325 -22.29 15.62 -0.64
N ASN A 326 -22.64 14.34 -0.82
CA ASN A 326 -22.94 13.84 -2.17
C ASN A 326 -24.30 14.42 -2.55
N LEU A 327 -24.45 15.05 -3.74
CA LEU A 327 -25.77 15.58 -4.15
C LEU A 327 -26.79 14.49 -4.52
N PHE A 328 -26.34 13.28 -4.83
CA PHE A 328 -27.22 12.13 -5.07
C PHE A 328 -26.85 11.08 -3.99
N ASP A 329 -27.85 10.40 -3.43
CA ASP A 329 -27.58 9.38 -2.41
C ASP A 329 -27.21 8.02 -3.07
N TYR A 330 -26.93 6.97 -2.27
CA TYR A 330 -26.54 5.67 -2.80
C TYR A 330 -27.61 5.02 -3.71
N THR A 331 -28.87 5.44 -3.61
CA THR A 331 -29.93 4.91 -4.46
C THR A 331 -30.17 5.79 -5.70
N ASP A 332 -29.25 6.72 -6.05
CA ASP A 332 -29.34 7.68 -7.16
C ASP A 332 -30.42 8.78 -6.99
N THR A 333 -30.90 9.01 -5.77
CA THR A 333 -31.91 10.03 -5.51
C THR A 333 -31.23 11.38 -5.28
N LEU A 334 -31.71 12.46 -5.97
CA LEU A 334 -31.17 13.81 -5.75
C LEU A 334 -31.60 14.24 -4.35
N VAL A 335 -30.67 14.71 -3.50
CA VAL A 335 -31.03 15.06 -2.12
C VAL A 335 -32.02 16.19 -2.05
N SER A 336 -32.94 16.11 -1.09
CA SER A 336 -33.97 17.12 -0.93
C SER A 336 -34.38 17.26 0.52
N GLY A 337 -34.88 18.43 0.88
CA GLY A 337 -35.35 18.68 2.24
C GLY A 337 -34.26 19.08 3.19
N LYS A 338 -34.60 19.14 4.47
CA LYS A 338 -33.68 19.55 5.51
C LYS A 338 -32.63 18.49 5.82
N MET A 339 -31.43 18.96 6.13
CA MET A 339 -30.31 18.08 6.40
C MET A 339 -29.37 18.77 7.36
N ALA A 340 -28.78 18.04 8.29
CA ALA A 340 -27.80 18.60 9.21
C ALA A 340 -26.46 17.87 8.98
N LEU A 341 -25.38 18.62 8.92
CA LEU A 341 -24.06 18.07 8.67
C LEU A 341 -23.11 18.49 9.79
N ASN A 342 -22.52 17.51 10.50
CA ASN A 342 -21.50 17.81 11.50
C ASN A 342 -20.15 17.89 10.77
N LEU A 343 -19.43 18.99 10.97
CA LEU A 343 -18.20 19.25 10.25
C LEU A 343 -16.95 18.62 10.90
N TRP A 344 -15.84 18.59 10.15
CA TRP A 344 -14.59 17.98 10.54
C TRP A 344 -13.53 19.03 10.78
N PRO A 345 -12.55 18.70 11.65
CA PRO A 345 -11.43 19.63 11.84
C PRO A 345 -10.59 19.72 10.59
N VAL A 346 -10.01 20.88 10.39
CA VAL A 346 -9.19 21.15 9.22
C VAL A 346 -7.89 20.36 9.31
N PRO A 347 -7.57 19.59 8.25
CA PRO A 347 -6.32 18.84 8.27
C PRO A 347 -5.13 19.79 8.13
N HIS A 348 -3.99 19.42 8.72
CA HIS A 348 -2.76 20.23 8.65
C HIS A 348 -2.35 20.50 7.18
N GLY A 349 -1.99 21.76 6.89
CA GLY A 349 -1.56 22.17 5.56
C GLY A 349 -2.58 22.13 4.44
N LEU A 350 -3.83 22.54 4.74
CA LEU A 350 -4.88 22.54 3.73
C LEU A 350 -4.59 23.59 2.67
N GLU A 351 -4.24 24.82 3.09
CA GLU A 351 -3.88 25.91 2.16
C GLU A 351 -5.06 26.50 1.35
N ASP A 352 -6.19 25.77 1.21
CA ASP A 352 -7.37 26.31 0.54
C ASP A 352 -8.55 26.50 1.55
N LEU A 353 -9.63 27.19 1.15
CA LEU A 353 -10.75 27.41 2.06
C LEU A 353 -11.74 26.23 2.09
N LEU A 354 -11.79 25.44 1.01
CA LEU A 354 -12.63 24.24 0.95
C LEU A 354 -11.72 22.97 0.95
N ASN A 355 -12.28 21.78 1.25
CA ASN A 355 -11.55 20.52 1.19
C ASN A 355 -12.32 19.55 0.28
N PRO A 356 -12.28 19.77 -1.04
CA PRO A 356 -13.07 18.93 -1.95
C PRO A 356 -12.65 17.48 -2.07
N ILE A 357 -11.38 17.15 -1.79
CA ILE A 357 -10.90 15.78 -1.82
C ILE A 357 -11.29 15.02 -0.54
N GLY A 358 -11.51 15.73 0.56
CA GLY A 358 -11.86 15.13 1.83
C GLY A 358 -13.08 14.24 1.79
N VAL A 359 -13.17 13.39 2.79
CA VAL A 359 -14.27 12.44 2.94
C VAL A 359 -15.63 13.11 2.95
N THR A 360 -16.64 12.40 2.46
CA THR A 360 -18.02 12.85 2.40
C THR A 360 -18.80 12.38 3.64
N GLY A 361 -19.82 13.14 4.06
CA GLY A 361 -20.66 12.75 5.18
C GLY A 361 -20.44 13.46 6.50
N SER A 362 -21.39 13.29 7.40
CA SER A 362 -21.40 13.90 8.71
C SER A 362 -20.40 13.30 9.69
N ASN A 363 -19.76 14.17 10.47
CA ASN A 363 -18.84 13.78 11.53
C ASN A 363 -19.60 12.97 12.59
N PRO A 364 -19.09 11.76 12.96
CA PRO A 364 -19.79 10.93 13.97
C PRO A 364 -19.76 11.55 15.38
N ASN A 365 -18.79 12.42 15.64
CA ASN A 365 -18.74 13.16 16.88
C ASN A 365 -19.76 14.28 16.68
N LYS A 366 -20.98 14.11 17.22
CA LYS A 366 -22.05 15.12 17.07
C LYS A 366 -21.82 16.40 17.85
N GLU A 367 -20.77 16.45 18.68
CA GLU A 367 -20.47 17.62 19.49
C GLU A 367 -19.37 18.46 18.86
N THR A 368 -19.62 18.81 17.59
CA THR A 368 -18.78 19.57 16.66
C THR A 368 -19.67 20.56 15.89
N PRO A 369 -19.10 21.61 15.23
CA PRO A 369 -19.94 22.49 14.41
C PRO A 369 -20.95 21.75 13.53
N CYS A 370 -22.21 22.13 13.63
CA CYS A 370 -23.28 21.47 12.91
C CYS A 370 -23.98 22.46 12.02
N LEU A 371 -23.93 22.23 10.70
CA LEU A 371 -24.56 23.12 9.76
C LEU A 371 -25.90 22.55 9.32
N GLU A 372 -26.96 23.35 9.36
CA GLU A 372 -28.26 22.93 8.87
C GLU A 372 -28.50 23.55 7.49
N LEU A 373 -28.90 22.70 6.57
CA LEU A 373 -29.10 23.05 5.18
C LEU A 373 -30.47 22.59 4.71
N GLU A 374 -30.91 23.13 3.58
CA GLU A 374 -32.17 22.71 3.01
C GLU A 374 -32.05 22.70 1.51
N PHE A 375 -32.46 21.61 0.93
CA PHE A 375 -32.47 21.44 -0.50
C PHE A 375 -33.94 21.55 -0.99
N ASP A 376 -34.13 21.80 -2.28
CA ASP A 376 -35.48 21.90 -2.84
C ASP A 376 -36.12 20.53 -2.97
N TRP A 377 -37.46 20.51 -2.95
CA TRP A 377 -38.30 19.32 -3.14
C TRP A 377 -39.10 19.62 -4.40
N PHE A 378 -38.99 18.78 -5.42
CA PHE A 378 -39.70 19.00 -6.69
C PHE A 378 -40.96 18.15 -6.80
N SER A 379 -41.73 18.06 -5.68
CA SER A 379 -43.01 17.35 -5.54
C SER A 379 -42.95 15.81 -5.82
N SER A 380 -41.74 15.29 -5.97
CA SER A 380 -41.51 13.89 -6.25
C SER A 380 -40.04 13.55 -5.98
N VAL A 381 -39.74 12.26 -5.79
CA VAL A 381 -38.39 11.77 -5.62
C VAL A 381 -37.71 11.90 -6.98
N VAL A 382 -36.60 12.64 -7.04
CA VAL A 382 -35.88 12.83 -8.29
C VAL A 382 -34.75 11.79 -8.36
N LYS A 383 -34.56 11.15 -9.52
CA LYS A 383 -33.54 10.12 -9.72
C LYS A 383 -32.66 10.44 -10.89
N PHE A 384 -31.40 10.00 -10.84
CA PHE A 384 -30.47 10.13 -11.96
C PHE A 384 -31.00 9.23 -13.10
N PRO A 385 -31.00 9.72 -14.35
CA PRO A 385 -31.56 8.89 -15.44
C PRO A 385 -30.88 7.53 -15.66
N ASP A 386 -31.69 6.55 -16.11
CA ASP A 386 -31.24 5.20 -16.46
C ASP A 386 -30.24 5.28 -17.63
N MET A 387 -29.41 4.25 -17.77
CA MET A 387 -28.42 4.17 -18.84
C MET A 387 -29.02 4.30 -20.24
N SER A 388 -30.18 3.69 -20.49
CA SER A 388 -30.83 3.79 -21.80
C SER A 388 -31.24 5.23 -22.11
N VAL A 389 -31.73 5.95 -21.09
CA VAL A 389 -32.09 7.35 -21.25
C VAL A 389 -30.86 8.21 -21.61
N ILE A 390 -29.74 7.99 -20.89
CA ILE A 390 -28.50 8.71 -21.15
C ILE A 390 -27.97 8.40 -22.56
N GLU A 391 -28.07 7.14 -22.98
CA GLU A 391 -27.67 6.67 -24.30
C GLU A 391 -28.48 7.36 -25.41
N GLU A 392 -29.80 7.53 -25.21
CA GLU A 392 -30.65 8.24 -26.18
C GLU A 392 -30.25 9.70 -26.32
N HIS A 393 -29.87 10.36 -25.21
CA HIS A 393 -29.42 11.75 -25.19
C HIS A 393 -28.05 11.94 -25.85
N ALA A 394 -27.18 10.94 -25.70
CA ALA A 394 -25.86 10.99 -26.30
C ALA A 394 -25.97 10.98 -27.83
N ASN A 395 -26.89 10.15 -28.37
CA ASN A 395 -27.13 10.02 -29.81
C ASN A 395 -27.73 11.33 -30.38
N TRP A 396 -28.67 11.93 -29.63
CA TRP A 396 -29.30 13.22 -29.97
C TRP A 396 -28.27 14.37 -29.99
N SER A 397 -27.18 14.26 -29.20
CA SER A 397 -26.11 15.26 -29.11
C SER A 397 -25.25 15.37 -30.36
N VAL A 398 -25.29 14.38 -31.26
CA VAL A 398 -24.48 14.42 -32.48
C VAL A 398 -25.33 14.47 -33.76
N ARG A 422 -5.25 13.80 -39.19
CA ARG A 422 -3.95 13.93 -39.85
C ARG A 422 -2.86 13.13 -39.13
N GLU A 423 -1.71 12.85 -39.79
CA GLU A 423 -0.63 12.08 -39.18
C GLU A 423 0.06 12.86 -38.07
N ASN A 424 0.16 14.19 -38.19
CA ASN A 424 0.75 15.02 -37.14
C ASN A 424 -0.12 14.94 -35.86
N ASP A 425 -1.45 14.84 -36.04
CA ASP A 425 -2.41 14.75 -34.95
C ASP A 425 -2.35 13.40 -34.26
N LYS A 426 -2.22 12.29 -35.03
CA LYS A 426 -2.11 10.94 -34.47
C LYS A 426 -0.85 10.78 -33.59
N GLU A 427 0.22 11.53 -33.92
CA GLU A 427 1.48 11.55 -33.16
C GLU A 427 1.35 12.46 -31.92
N GLN A 428 0.53 13.53 -32.01
CA GLN A 428 0.32 14.42 -30.88
C GLN A 428 -0.55 13.73 -29.82
N LEU A 429 -1.53 12.91 -30.25
CA LEU A 429 -2.37 12.14 -29.35
C LEU A 429 -1.52 11.06 -28.65
N LYS A 430 -0.56 10.45 -29.39
CA LYS A 430 0.31 9.42 -28.82
C LYS A 430 1.24 10.02 -27.78
N ALA A 431 1.71 11.26 -27.98
CA ALA A 431 2.59 11.92 -27.03
C ALA A 431 1.86 12.32 -25.74
N ILE A 432 0.63 12.83 -25.87
CA ILE A 432 -0.19 13.24 -24.72
C ILE A 432 -0.47 12.02 -23.82
N SER A 433 -0.76 10.89 -24.45
CA SER A 433 -1.02 9.59 -23.86
C SER A 433 0.12 9.07 -22.98
N THR A 434 1.39 9.36 -23.35
CA THR A 434 2.55 8.88 -22.58
C THR A 434 3.01 9.81 -21.46
N ARG A 435 2.31 10.92 -21.24
CA ARG A 435 2.66 11.85 -20.15
C ARG A 435 2.19 11.27 -18.81
N ASP A 436 2.90 11.57 -17.73
CA ASP A 436 2.60 11.04 -16.41
C ASP A 436 1.36 11.71 -15.78
N PRO A 437 0.75 11.06 -14.77
CA PRO A 437 -0.43 11.65 -14.12
C PRO A 437 -0.35 13.10 -13.63
N LEU A 438 0.85 13.61 -13.29
CA LEU A 438 0.96 15.00 -12.83
C LEU A 438 1.27 16.02 -13.91
N SER A 439 1.59 15.57 -15.13
CA SER A 439 1.90 16.47 -16.24
C SER A 439 0.69 17.32 -16.57
N GLU A 440 0.92 18.63 -16.79
CA GLU A 440 -0.13 19.58 -17.11
C GLU A 440 -0.77 19.36 -18.48
N ILE A 441 -2.11 19.38 -18.53
CA ILE A 441 -2.84 19.26 -19.79
C ILE A 441 -3.62 20.57 -20.02
N THR A 442 -3.07 21.41 -20.93
CA THR A 442 -3.55 22.75 -21.31
C THR A 442 -5.01 22.75 -21.81
N GLU A 443 -5.64 23.94 -21.89
CA GLU A 443 -7.01 24.03 -22.38
C GLU A 443 -7.09 23.73 -23.87
N GLN A 444 -6.06 24.10 -24.65
CA GLN A 444 -6.05 23.76 -26.07
C GLN A 444 -5.97 22.23 -26.24
N GLU A 445 -5.12 21.56 -25.42
CA GLU A 445 -4.99 20.09 -25.45
C GLU A 445 -6.27 19.39 -25.03
N LYS A 446 -7.01 19.94 -24.07
CA LYS A 446 -8.28 19.36 -23.64
C LYS A 446 -9.30 19.39 -24.76
N ASP A 447 -9.33 20.49 -25.52
CA ASP A 447 -10.23 20.63 -26.67
C ASP A 447 -9.78 19.71 -27.81
N PHE A 448 -8.47 19.59 -28.02
CA PHE A 448 -7.88 18.68 -28.99
C PHE A 448 -8.26 17.22 -28.70
N LEU A 449 -8.07 16.74 -27.45
CA LEU A 449 -8.44 15.40 -27.02
C LEU A 449 -9.92 15.11 -27.17
N TRP A 450 -10.80 16.02 -26.69
CA TRP A 450 -12.24 15.78 -26.77
C TRP A 450 -12.77 15.79 -28.19
N SER A 451 -12.15 16.60 -29.08
CA SER A 451 -12.60 16.61 -30.49
C SER A 451 -12.21 15.30 -31.20
N HIS A 452 -11.08 14.68 -30.78
CA HIS A 452 -10.67 13.40 -31.34
C HIS A 452 -11.06 12.22 -30.45
N ARG A 453 -12.08 12.39 -29.61
CA ARG A 453 -12.52 11.37 -28.66
C ARG A 453 -12.82 10.02 -29.30
N HIS A 454 -13.13 10.00 -30.60
CA HIS A 454 -13.41 8.74 -31.29
C HIS A 454 -12.14 8.04 -31.72
N TYR A 455 -11.12 8.79 -32.13
CA TYR A 455 -9.82 8.22 -32.46
C TYR A 455 -9.06 7.75 -31.19
N CYS A 456 -9.51 8.15 -29.99
CA CYS A 456 -8.89 7.82 -28.71
C CYS A 456 -9.07 6.38 -28.32
N VAL A 457 -10.20 5.77 -28.69
CA VAL A 457 -10.46 4.35 -28.44
C VAL A 457 -9.33 3.43 -29.02
N THR A 458 -8.54 3.93 -29.98
CA THR A 458 -7.47 3.18 -30.62
C THR A 458 -6.08 3.32 -29.87
N ILE A 459 -6.02 4.21 -28.83
CA ILE A 459 -4.88 4.42 -27.91
C ILE A 459 -5.56 4.28 -26.51
N PRO A 460 -5.96 3.08 -26.08
CA PRO A 460 -6.74 2.97 -24.82
C PRO A 460 -6.10 3.57 -23.57
N GLU A 461 -4.78 3.68 -23.56
CA GLU A 461 -4.02 4.25 -22.46
C GLU A 461 -4.27 5.77 -22.27
N ILE A 462 -4.94 6.42 -23.23
CA ILE A 462 -5.24 7.86 -23.15
C ILE A 462 -6.53 8.15 -22.38
N LEU A 463 -7.30 7.12 -21.98
CA LEU A 463 -8.56 7.30 -21.25
C LEU A 463 -8.44 8.26 -20.06
N PRO A 464 -7.41 8.19 -19.17
CA PRO A 464 -7.31 9.18 -18.09
C PRO A 464 -7.19 10.61 -18.61
N LYS A 465 -6.42 10.83 -19.68
CA LYS A 465 -6.26 12.17 -20.25
C LYS A 465 -7.57 12.67 -20.85
N LEU A 466 -8.31 11.78 -21.53
CA LEU A 466 -9.60 12.10 -22.14
C LEU A 466 -10.67 12.40 -21.09
N LEU A 467 -10.73 11.63 -19.98
CA LEU A 467 -11.71 11.89 -18.92
C LEU A 467 -11.53 13.26 -18.29
N LEU A 468 -10.31 13.77 -18.25
CA LEU A 468 -10.05 15.11 -17.73
C LEU A 468 -10.38 16.25 -18.74
N SER A 469 -10.66 15.91 -19.99
CA SER A 469 -11.01 16.84 -21.06
C SER A 469 -12.53 17.09 -21.16
N VAL A 470 -13.31 16.14 -20.65
CA VAL A 470 -14.75 16.19 -20.56
C VAL A 470 -15.18 17.35 -19.67
N LYS A 471 -16.24 18.05 -20.06
CA LYS A 471 -16.82 19.09 -19.22
C LYS A 471 -17.85 18.32 -18.43
N TRP A 472 -17.55 18.03 -17.14
CA TRP A 472 -18.44 17.26 -16.27
C TRP A 472 -19.66 18.05 -15.84
N ASN A 473 -19.69 19.38 -16.01
CA ASN A 473 -20.87 20.21 -15.73
C ASN A 473 -21.78 20.36 -17.00
N SER A 474 -21.60 19.48 -18.01
CA SER A 474 -22.37 19.47 -19.26
C SER A 474 -22.85 18.05 -19.49
N ARG A 475 -24.16 17.79 -19.31
CA ARG A 475 -24.71 16.44 -19.48
C ARG A 475 -24.62 15.89 -20.90
N ASP A 476 -24.40 16.76 -21.89
CA ASP A 476 -24.27 16.42 -23.31
C ASP A 476 -22.91 15.76 -23.55
N GLU A 477 -21.84 16.30 -22.94
CA GLU A 477 -20.51 15.71 -23.07
C GLU A 477 -20.42 14.45 -22.23
N VAL A 478 -21.01 14.47 -21.04
CA VAL A 478 -20.94 13.31 -20.16
C VAL A 478 -21.70 12.13 -20.73
N ALA A 479 -22.87 12.35 -21.35
CA ALA A 479 -23.65 11.28 -21.99
C ALA A 479 -22.83 10.62 -23.11
N GLN A 480 -22.07 11.42 -23.86
CA GLN A 480 -21.22 10.89 -24.92
C GLN A 480 -19.99 10.19 -24.38
N MET A 481 -19.48 10.63 -23.22
CA MET A 481 -18.33 9.98 -22.58
C MET A 481 -18.74 8.59 -22.05
N TYR A 482 -19.96 8.48 -21.54
CA TYR A 482 -20.48 7.21 -21.06
C TYR A 482 -20.55 6.18 -22.20
N CYS A 483 -20.86 6.62 -23.43
CA CYS A 483 -20.90 5.70 -24.57
C CYS A 483 -19.53 5.21 -24.96
N LEU A 484 -18.55 6.10 -24.90
CA LEU A 484 -17.16 5.74 -25.18
C LEU A 484 -16.60 4.84 -24.07
N VAL A 485 -16.94 5.11 -22.79
CA VAL A 485 -16.48 4.30 -21.67
C VAL A 485 -17.02 2.88 -21.80
N LYS A 486 -18.34 2.73 -22.08
CA LYS A 486 -19.03 1.46 -22.27
C LYS A 486 -18.33 0.53 -23.29
N ASP A 487 -17.78 1.07 -24.37
CA ASP A 487 -17.08 0.25 -25.38
C ASP A 487 -15.57 0.36 -25.34
N TRP A 488 -15.01 0.96 -24.29
CA TRP A 488 -13.55 1.14 -24.20
C TRP A 488 -12.86 -0.21 -24.08
N PRO A 489 -11.74 -0.38 -24.76
CA PRO A 489 -11.00 -1.65 -24.63
C PRO A 489 -10.37 -1.74 -23.25
N PRO A 490 -10.28 -2.95 -22.69
CA PRO A 490 -9.61 -3.12 -21.39
C PRO A 490 -8.17 -2.65 -21.40
N ILE A 491 -7.72 -2.08 -20.26
CA ILE A 491 -6.36 -1.58 -20.08
C ILE A 491 -5.67 -2.32 -18.91
N LYS A 492 -4.33 -2.31 -18.88
CA LYS A 492 -3.51 -3.00 -17.88
C LYS A 492 -3.76 -2.46 -16.47
N PRO A 493 -3.71 -3.32 -15.44
CA PRO A 493 -4.00 -2.86 -14.08
C PRO A 493 -3.28 -1.61 -13.59
N GLU A 494 -1.98 -1.47 -13.88
CA GLU A 494 -1.23 -0.29 -13.44
C GLU A 494 -1.79 1.01 -14.05
N GLN A 495 -2.50 0.91 -15.19
CA GLN A 495 -3.12 2.06 -15.83
C GLN A 495 -4.55 2.25 -15.32
N ALA A 496 -5.26 1.16 -15.03
CA ALA A 496 -6.61 1.19 -14.50
C ALA A 496 -6.66 1.70 -13.04
N MET A 497 -5.58 1.53 -12.29
CA MET A 497 -5.50 1.98 -10.91
C MET A 497 -5.54 3.52 -10.79
N GLU A 498 -5.05 4.23 -11.82
CA GLU A 498 -5.08 5.70 -11.84
C GLU A 498 -6.54 6.19 -11.87
N LEU A 499 -7.43 5.45 -12.54
CA LEU A 499 -8.85 5.75 -12.63
C LEU A 499 -9.62 5.54 -11.34
N LEU A 500 -8.97 5.05 -10.27
CA LEU A 500 -9.56 4.89 -8.95
C LEU A 500 -9.09 5.98 -7.98
N ASP A 501 -8.23 6.92 -8.41
CA ASP A 501 -7.79 8.01 -7.54
CA ASP A 501 -7.78 8.02 -7.56
C ASP A 501 -8.92 9.06 -7.38
N CYS A 502 -8.66 10.14 -6.61
CA CYS A 502 -9.67 11.17 -6.34
C CYS A 502 -10.08 12.00 -7.57
N ASN A 503 -9.28 11.99 -8.62
CA ASN A 503 -9.58 12.71 -9.85
C ASN A 503 -10.70 12.08 -10.69
N TYR A 504 -11.09 10.82 -10.40
CA TYR A 504 -12.08 10.13 -11.21
C TYR A 504 -13.18 9.59 -10.36
N PRO A 505 -14.12 10.45 -9.91
CA PRO A 505 -15.20 9.97 -9.03
C PRO A 505 -16.37 9.29 -9.72
N ASP A 506 -16.51 9.49 -11.05
CA ASP A 506 -17.60 8.91 -11.80
C ASP A 506 -17.71 7.41 -11.67
N PRO A 507 -18.88 6.90 -11.26
CA PRO A 507 -19.05 5.44 -11.09
C PRO A 507 -18.86 4.57 -12.34
N MET A 508 -19.09 5.11 -13.55
CA MET A 508 -18.89 4.33 -14.77
C MET A 508 -17.39 4.23 -15.10
N VAL A 509 -16.62 5.27 -14.80
CA VAL A 509 -15.18 5.28 -14.95
C VAL A 509 -14.57 4.30 -13.92
N ARG A 510 -15.04 4.39 -12.65
CA ARG A 510 -14.60 3.53 -11.59
C ARG A 510 -14.98 2.07 -11.84
N GLY A 511 -16.15 1.83 -12.40
CA GLY A 511 -16.61 0.47 -12.72
C GLY A 511 -15.77 -0.20 -13.79
N PHE A 512 -15.36 0.58 -14.81
CA PHE A 512 -14.49 0.12 -15.89
C PHE A 512 -13.15 -0.30 -15.30
N ALA A 513 -12.61 0.54 -14.40
CA ALA A 513 -11.33 0.33 -13.76
C ALA A 513 -11.32 -0.94 -12.93
N VAL A 514 -12.38 -1.19 -12.16
CA VAL A 514 -12.47 -2.41 -11.36
C VAL A 514 -12.59 -3.66 -12.24
N ARG A 515 -13.33 -3.59 -13.36
CA ARG A 515 -13.43 -4.73 -14.28
C ARG A 515 -12.07 -5.10 -14.89
N CYS A 516 -11.22 -4.10 -15.20
CA CYS A 516 -9.86 -4.31 -15.67
C CYS A 516 -9.02 -5.01 -14.57
N LEU A 517 -9.28 -4.71 -13.30
CA LEU A 517 -8.56 -5.32 -12.20
C LEU A 517 -8.99 -6.77 -12.05
N GLU A 518 -10.29 -7.04 -12.08
CA GLU A 518 -10.78 -8.42 -11.97
C GLU A 518 -10.28 -9.28 -13.13
N LYS A 519 -10.16 -8.70 -14.32
CA LYS A 519 -9.71 -9.44 -15.50
C LYS A 519 -8.21 -9.69 -15.54
N TYR A 520 -7.38 -8.69 -15.19
CA TYR A 520 -5.94 -8.79 -15.37
C TYR A 520 -5.07 -8.89 -14.12
N LEU A 521 -5.63 -8.74 -12.92
CA LEU A 521 -4.80 -8.75 -11.70
C LEU A 521 -4.64 -10.17 -11.15
N THR A 522 -3.40 -10.67 -11.05
CA THR A 522 -3.15 -11.96 -10.41
C THR A 522 -3.24 -11.76 -8.89
N ASP A 523 -3.31 -12.86 -8.10
CA ASP A 523 -3.33 -12.73 -6.66
C ASP A 523 -2.02 -12.09 -6.14
N ASP A 524 -0.88 -12.35 -6.84
CA ASP A 524 0.43 -11.79 -6.52
C ASP A 524 0.44 -10.25 -6.72
N LYS A 525 0.05 -9.78 -7.92
CA LYS A 525 -0.01 -8.34 -8.18
C LYS A 525 -1.05 -7.67 -7.29
N LEU A 526 -2.18 -8.33 -7.00
CA LEU A 526 -3.18 -7.79 -6.10
C LEU A 526 -2.57 -7.51 -4.72
N SER A 527 -1.77 -8.45 -4.19
CA SER A 527 -1.09 -8.32 -2.90
C SER A 527 -0.07 -7.19 -2.94
N GLN A 528 0.66 -7.08 -4.03
CA GLN A 528 1.66 -6.06 -4.22
C GLN A 528 1.01 -4.64 -4.18
N TYR A 529 -0.18 -4.47 -4.79
CA TYR A 529 -0.89 -3.20 -4.84
C TYR A 529 -1.99 -3.02 -3.82
N LEU A 530 -2.10 -3.91 -2.83
CA LEU A 530 -3.16 -3.82 -1.83
C LEU A 530 -3.21 -2.49 -1.02
N ILE A 531 -2.05 -1.91 -0.65
CA ILE A 531 -2.04 -0.64 0.09
C ILE A 531 -2.77 0.48 -0.68
N GLN A 532 -2.51 0.62 -2.00
CA GLN A 532 -3.17 1.64 -2.83
C GLN A 532 -4.63 1.37 -2.99
N LEU A 533 -5.02 0.11 -3.19
CA LEU A 533 -6.44 -0.24 -3.38
C LEU A 533 -7.31 -0.05 -2.12
N VAL A 534 -6.71 -0.23 -0.93
CA VAL A 534 -7.43 0.00 0.32
C VAL A 534 -7.55 1.52 0.58
N GLN A 535 -6.53 2.31 0.18
CA GLN A 535 -6.56 3.75 0.37
C GLN A 535 -7.55 4.40 -0.57
N VAL A 536 -7.66 3.91 -1.83
CA VAL A 536 -8.59 4.54 -2.78
C VAL A 536 -10.05 4.22 -2.44
N LEU A 537 -10.33 3.29 -1.51
CA LEU A 537 -11.68 3.01 -0.99
C LEU A 537 -12.26 4.23 -0.31
N LYS A 538 -11.42 5.06 0.33
CA LYS A 538 -11.83 6.28 1.00
C LYS A 538 -12.43 7.29 0.01
N TYR A 539 -12.06 7.21 -1.28
CA TYR A 539 -12.57 8.10 -2.32
C TYR A 539 -13.93 7.71 -2.89
N GLU A 540 -14.39 6.49 -2.63
CA GLU A 540 -15.68 6.03 -3.09
C GLU A 540 -16.78 6.85 -2.50
N GLN A 541 -17.80 7.23 -3.30
CA GLN A 541 -18.89 8.07 -2.78
C GLN A 541 -19.76 7.33 -1.74
N TYR A 542 -19.90 6.01 -1.92
CA TYR A 542 -20.81 5.18 -1.16
C TYR A 542 -20.10 3.94 -0.59
N LEU A 543 -20.70 3.34 0.45
CA LEU A 543 -20.19 2.15 1.11
C LEU A 543 -20.17 0.94 0.20
N ASP A 544 -21.26 0.74 -0.53
CA ASP A 544 -21.38 -0.38 -1.43
C ASP A 544 -20.99 0.08 -2.82
N ASN A 545 -19.90 -0.48 -3.32
CA ASN A 545 -19.36 -0.16 -4.62
C ASN A 545 -18.64 -1.39 -5.21
N LEU A 546 -18.28 -1.33 -6.48
CA LEU A 546 -17.64 -2.42 -7.17
C LEU A 546 -16.24 -2.74 -6.63
N LEU A 547 -15.48 -1.73 -6.23
CA LEU A 547 -14.14 -1.92 -5.69
C LEU A 547 -14.15 -2.69 -4.36
N VAL A 548 -15.01 -2.29 -3.41
CA VAL A 548 -15.08 -2.92 -2.11
C VAL A 548 -15.47 -4.40 -2.23
N ARG A 549 -16.40 -4.71 -3.16
CA ARG A 549 -16.89 -6.05 -3.43
C ARG A 549 -15.78 -6.93 -4.04
N PHE A 550 -14.93 -6.35 -4.88
CA PHE A 550 -13.82 -7.05 -5.49
C PHE A 550 -12.77 -7.37 -4.42
N LEU A 551 -12.37 -6.36 -3.61
CA LEU A 551 -11.36 -6.60 -2.58
C LEU A 551 -11.84 -7.58 -1.52
N LEU A 552 -13.07 -7.41 -1.00
CA LEU A 552 -13.63 -8.34 -0.02
C LEU A 552 -13.74 -9.79 -0.55
N LYS A 553 -14.17 -9.99 -1.78
CA LYS A 553 -14.25 -11.33 -2.37
C LYS A 553 -12.85 -12.00 -2.43
N LYS A 554 -11.84 -11.22 -2.83
CA LYS A 554 -10.46 -11.66 -2.91
C LYS A 554 -9.87 -11.99 -1.56
N ALA A 555 -10.19 -11.20 -0.55
CA ALA A 555 -9.76 -11.39 0.85
C ALA A 555 -10.38 -12.66 1.48
N LEU A 556 -11.63 -12.92 1.12
CA LEU A 556 -12.42 -14.04 1.60
C LEU A 556 -12.15 -15.34 0.79
N THR A 557 -11.34 -15.29 -0.28
CA THR A 557 -11.02 -16.49 -1.06
C THR A 557 -9.52 -16.81 -1.10
N ASN A 558 -8.68 -15.98 -0.46
CA ASN A 558 -7.24 -16.18 -0.37
C ASN A 558 -6.91 -15.61 1.00
N GLN A 559 -6.54 -16.48 1.95
CA GLN A 559 -6.31 -16.05 3.32
C GLN A 559 -5.07 -15.20 3.50
N ARG A 560 -4.10 -15.29 2.60
CA ARG A 560 -2.91 -14.45 2.65
C ARG A 560 -3.33 -13.01 2.32
N ILE A 561 -4.16 -12.82 1.28
CA ILE A 561 -4.73 -11.53 0.96
C ILE A 561 -5.61 -11.04 2.13
N GLY A 562 -6.50 -11.89 2.65
CA GLY A 562 -7.37 -11.53 3.75
C GLY A 562 -6.65 -11.03 4.98
N HIS A 563 -5.49 -11.64 5.31
CA HIS A 563 -4.64 -11.26 6.44
C HIS A 563 -4.17 -9.80 6.28
N PHE A 564 -3.59 -9.45 5.11
CA PHE A 564 -3.09 -8.09 4.89
C PHE A 564 -4.21 -7.09 4.70
N PHE A 565 -5.30 -7.49 4.08
CA PHE A 565 -6.50 -6.68 3.90
C PHE A 565 -7.04 -6.29 5.30
N PHE A 566 -7.12 -7.27 6.24
CA PHE A 566 -7.54 -7.02 7.62
C PHE A 566 -6.64 -5.96 8.27
N TRP A 567 -5.32 -6.14 8.15
CA TRP A 567 -4.39 -5.24 8.81
C TRP A 567 -4.35 -3.83 8.17
N HIS A 568 -4.61 -3.69 6.86
CA HIS A 568 -4.64 -2.38 6.22
C HIS A 568 -5.85 -1.56 6.68
N LEU A 569 -6.96 -2.22 7.01
CA LEU A 569 -8.16 -1.55 7.47
C LEU A 569 -8.00 -1.28 8.95
N LYS A 570 -7.65 -2.31 9.73
CA LYS A 570 -7.52 -2.21 11.18
C LYS A 570 -6.56 -1.10 11.61
N SER A 571 -5.42 -0.99 10.93
CA SER A 571 -4.43 0.03 11.23
C SER A 571 -4.90 1.51 11.02
N GLU A 572 -6.03 1.74 10.34
CA GLU A 572 -6.60 3.08 10.10
C GLU A 572 -7.88 3.35 10.90
N MET A 573 -8.31 2.40 11.77
CA MET A 573 -9.51 2.55 12.58
C MET A 573 -9.46 3.71 13.59
N HIS A 574 -8.27 4.28 13.83
CA HIS A 574 -8.15 5.44 14.72
C HIS A 574 -8.59 6.74 13.98
N ASN A 575 -8.48 6.77 12.64
CA ASN A 575 -8.85 7.88 11.77
C ASN A 575 -10.38 7.90 11.63
N LYS A 576 -11.02 8.89 12.26
CA LYS A 576 -12.46 8.98 12.31
C LYS A 576 -13.13 9.27 10.96
N THR A 577 -12.37 9.84 10.02
CA THR A 577 -12.92 10.06 8.68
C THR A 577 -13.22 8.74 7.98
N VAL A 578 -12.58 7.59 8.37
CA VAL A 578 -12.78 6.28 7.73
C VAL A 578 -13.28 5.18 8.66
N SER A 579 -13.25 5.40 9.99
CA SER A 579 -13.72 4.49 11.03
C SER A 579 -14.98 3.70 10.67
N GLN A 580 -16.04 4.38 10.22
CA GLN A 580 -17.30 3.71 9.93
C GLN A 580 -17.22 2.86 8.66
N ARG A 581 -16.58 3.36 7.60
CA ARG A 581 -16.45 2.62 6.36
C ARG A 581 -15.67 1.33 6.59
N PHE A 582 -14.49 1.46 7.19
CA PHE A 582 -13.55 0.39 7.45
C PHE A 582 -14.04 -0.55 8.53
N GLY A 583 -14.76 -0.04 9.53
CA GLY A 583 -15.29 -0.86 10.58
C GLY A 583 -16.40 -1.73 10.06
N LEU A 584 -17.26 -1.20 9.16
CA LEU A 584 -18.34 -1.98 8.57
C LEU A 584 -17.76 -3.05 7.60
N LEU A 585 -16.73 -2.68 6.86
CA LEU A 585 -16.06 -3.58 5.94
C LEU A 585 -15.36 -4.71 6.74
N LEU A 586 -14.79 -4.36 7.92
CA LEU A 586 -14.14 -5.30 8.81
C LEU A 586 -15.13 -6.28 9.43
N GLU A 587 -16.37 -5.83 9.71
CA GLU A 587 -17.37 -6.69 10.29
C GLU A 587 -17.74 -7.83 9.33
N SER A 588 -18.03 -7.49 8.09
CA SER A 588 -18.39 -8.46 7.07
C SER A 588 -17.20 -9.41 6.78
N TYR A 589 -15.96 -8.91 6.83
CA TYR A 589 -14.79 -9.77 6.60
C TYR A 589 -14.64 -10.76 7.78
N CYS A 590 -14.74 -10.26 9.02
CA CYS A 590 -14.58 -11.10 10.22
C CYS A 590 -15.65 -12.16 10.33
N ARG A 591 -16.85 -11.85 9.85
CA ARG A 591 -18.00 -12.72 9.89
C ARG A 591 -17.86 -13.91 8.95
N ALA A 592 -17.07 -13.76 7.84
CA ALA A 592 -16.92 -14.79 6.84
C ALA A 592 -15.48 -15.29 6.63
N CYS A 593 -14.50 -14.83 7.41
CA CYS A 593 -13.12 -15.35 7.27
C CYS A 593 -12.94 -16.76 7.89
N GLY A 594 -13.91 -17.20 8.70
CA GLY A 594 -13.85 -18.51 9.31
C GLY A 594 -13.05 -18.49 10.59
N MET A 595 -12.38 -19.62 10.89
CA MET A 595 -11.54 -19.76 12.07
C MET A 595 -10.32 -18.83 12.09
N TYR A 596 -10.01 -18.14 10.96
CA TYR A 596 -8.89 -17.22 10.96
C TYR A 596 -9.10 -16.03 11.92
N LEU A 597 -10.35 -15.70 12.25
CA LEU A 597 -10.67 -14.67 13.23
C LEU A 597 -10.04 -14.97 14.60
N LYS A 598 -9.97 -16.25 15.00
CA LYS A 598 -9.32 -16.63 16.26
C LYS A 598 -7.83 -16.31 16.19
N HIS A 599 -7.20 -16.56 15.06
CA HIS A 599 -5.80 -16.23 14.89
C HIS A 599 -5.58 -14.72 14.89
N LEU A 600 -6.46 -13.95 14.23
CA LEU A 600 -6.40 -12.50 14.17
C LEU A 600 -6.57 -11.92 15.55
N ASN A 601 -7.47 -12.45 16.36
CA ASN A 601 -7.68 -11.97 17.73
C ASN A 601 -6.42 -12.10 18.59
N ARG A 602 -5.66 -13.20 18.42
CA ARG A 602 -4.41 -13.43 19.11
C ARG A 602 -3.37 -12.40 18.65
N GLN A 603 -3.35 -12.08 17.35
CA GLN A 603 -2.43 -11.06 16.83
C GLN A 603 -2.81 -9.69 17.42
N VAL A 604 -4.10 -9.33 17.43
CA VAL A 604 -4.60 -8.07 17.98
C VAL A 604 -4.20 -7.93 19.44
N GLU A 605 -4.47 -8.96 20.27
CA GLU A 605 -4.13 -8.95 21.70
C GLU A 605 -2.61 -8.86 21.99
N ALA A 606 -1.76 -9.51 21.19
CA ALA A 606 -0.32 -9.40 21.37
C ALA A 606 0.11 -7.94 21.05
N MET A 607 -0.38 -7.39 19.94
CA MET A 607 -0.08 -6.04 19.52
C MET A 607 -0.57 -5.01 20.56
N GLU A 608 -1.73 -5.23 21.20
CA GLU A 608 -2.20 -4.29 22.22
C GLU A 608 -1.28 -4.28 23.44
N LYS A 609 -0.76 -5.45 23.84
CA LYS A 609 0.20 -5.55 24.94
C LYS A 609 1.50 -4.81 24.62
N LEU A 610 1.96 -4.86 23.38
CA LEU A 610 3.18 -4.17 22.97
C LEU A 610 2.95 -2.67 22.84
N ILE A 611 1.76 -2.26 22.36
CA ILE A 611 1.45 -0.85 22.21
C ILE A 611 1.38 -0.22 23.61
N ASN A 612 0.73 -0.90 24.57
CA ASN A 612 0.63 -0.42 25.94
C ASN A 612 2.01 -0.31 26.58
N LEU A 613 2.85 -1.34 26.42
CA LEU A 613 4.21 -1.38 26.95
C LEU A 613 5.09 -0.23 26.45
N THR A 614 5.10 0.00 25.13
CA THR A 614 5.89 1.07 24.50
C THR A 614 5.32 2.45 24.79
N ASP A 615 4.01 2.55 25.08
CA ASP A 615 3.39 3.82 25.44
C ASP A 615 3.86 4.23 26.83
N ILE A 616 3.94 3.27 27.78
CA ILE A 616 4.42 3.53 29.14
C ILE A 616 5.89 3.95 29.06
N LEU A 617 6.70 3.23 28.27
CA LEU A 617 8.10 3.57 28.08
C LEU A 617 8.29 4.98 27.52
N LYS A 618 7.53 5.37 26.49
CA LYS A 618 7.70 6.68 25.86
C LYS A 618 7.14 7.84 26.66
N GLN A 619 6.12 7.61 27.51
CA GLN A 619 5.51 8.69 28.26
C GLN A 619 5.99 8.74 29.73
N GLU A 620 5.79 7.66 30.49
CA GLU A 620 6.19 7.61 31.90
C GLU A 620 7.69 7.41 32.17
N LYS A 621 8.35 6.40 31.59
CA LYS A 621 9.77 6.13 31.89
C LYS A 621 10.76 6.59 30.83
N LYS A 622 10.38 7.60 30.02
CA LYS A 622 11.14 8.11 28.88
C LYS A 622 12.59 8.52 29.14
N ASP A 623 12.83 9.28 30.22
CA ASP A 623 14.16 9.82 30.49
C ASP A 623 15.13 8.87 31.16
N GLU A 624 14.62 7.84 31.85
CA GLU A 624 15.47 6.87 32.55
C GLU A 624 16.54 6.23 31.66
N THR A 625 17.57 5.65 32.28
CA THR A 625 18.70 5.00 31.58
C THR A 625 18.32 3.64 30.99
N GLN A 626 19.15 3.14 30.06
CA GLN A 626 18.97 1.85 29.43
C GLN A 626 18.76 0.70 30.45
N LYS A 627 19.59 0.63 31.50
CA LYS A 627 19.47 -0.40 32.52
C LYS A 627 18.15 -0.31 33.26
N VAL A 628 17.71 0.91 33.61
CA VAL A 628 16.43 1.09 34.32
C VAL A 628 15.22 0.79 33.40
N GLN A 629 15.38 1.03 32.10
CA GLN A 629 14.36 0.78 31.08
C GLN A 629 14.19 -0.72 30.88
N MET A 630 15.31 -1.44 30.79
CA MET A 630 15.35 -2.87 30.66
C MET A 630 14.79 -3.58 31.88
N LYS A 631 15.00 -3.02 33.09
CA LYS A 631 14.45 -3.60 34.31
C LYS A 631 12.95 -3.58 34.30
N PHE A 632 12.34 -2.50 33.82
CA PHE A 632 10.90 -2.38 33.73
C PHE A 632 10.35 -3.28 32.61
N LEU A 633 11.07 -3.37 31.49
CA LEU A 633 10.71 -4.20 30.33
C LEU A 633 10.61 -5.68 30.75
N VAL A 634 11.68 -6.22 31.34
CA VAL A 634 11.79 -7.60 31.79
C VAL A 634 10.68 -7.95 32.80
N GLU A 635 10.47 -7.07 33.77
CA GLU A 635 9.45 -7.21 34.80
C GLU A 635 8.04 -7.22 34.18
N GLN A 636 7.79 -6.33 33.21
CA GLN A 636 6.49 -6.26 32.55
C GLN A 636 6.22 -7.44 31.64
N MET A 637 7.28 -7.95 31.00
CA MET A 637 7.20 -9.09 30.09
C MET A 637 7.06 -10.42 30.81
N ARG A 638 7.63 -10.56 32.01
CA ARG A 638 7.54 -11.79 32.81
C ARG A 638 6.13 -11.99 33.41
N ARG A 639 5.24 -10.99 33.35
CA ARG A 639 3.89 -11.11 33.90
C ARG A 639 3.07 -12.18 33.19
N PRO A 640 2.23 -12.94 33.92
CA PRO A 640 1.50 -14.05 33.28
C PRO A 640 0.62 -13.65 32.12
N ASP A 641 -0.20 -12.61 32.28
CA ASP A 641 -1.09 -12.12 31.23
C ASP A 641 -0.31 -11.74 29.98
N PHE A 642 0.86 -11.10 30.16
CA PHE A 642 1.72 -10.67 29.07
C PHE A 642 2.32 -11.87 28.33
N MET A 643 2.87 -12.84 29.08
CA MET A 643 3.49 -14.03 28.49
C MET A 643 2.50 -14.85 27.68
N ASP A 644 1.27 -14.98 28.18
CA ASP A 644 0.23 -15.69 27.48
C ASP A 644 -0.14 -14.99 26.20
N ALA A 645 -0.23 -13.64 26.23
CA ALA A 645 -0.59 -12.87 25.06
C ALA A 645 0.50 -12.80 24.00
N LEU A 646 1.78 -12.88 24.38
CA LEU A 646 2.92 -12.73 23.46
C LEU A 646 3.55 -14.03 22.97
N GLN A 647 2.92 -15.16 23.21
CA GLN A 647 3.45 -16.45 22.80
C GLN A 647 2.35 -17.29 22.20
N GLY A 648 2.67 -17.97 21.11
CA GLY A 648 1.71 -18.86 20.45
C GLY A 648 0.70 -18.11 19.60
N PHE A 649 1.21 -17.34 18.64
CA PHE A 649 0.39 -16.58 17.69
C PHE A 649 1.16 -16.45 16.36
N LEU A 650 0.49 -16.09 15.26
CA LEU A 650 1.14 -15.97 13.96
C LEU A 650 1.72 -14.58 13.76
N SER A 651 2.79 -14.49 13.01
CA SER A 651 3.42 -13.21 12.76
C SER A 651 2.57 -12.33 11.83
N PRO A 652 2.20 -11.11 12.26
CA PRO A 652 1.47 -10.21 11.35
C PRO A 652 2.30 -9.80 10.11
N LEU A 653 3.62 -9.88 10.18
CA LEU A 653 4.49 -9.63 9.02
C LEU A 653 4.35 -10.74 7.99
N ASN A 654 4.08 -11.98 8.41
CA ASN A 654 3.92 -13.11 7.51
C ASN A 654 3.20 -14.19 8.30
N PRO A 655 1.90 -14.38 8.06
CA PRO A 655 1.13 -15.36 8.86
C PRO A 655 1.54 -16.83 8.72
N ALA A 656 2.49 -17.16 7.80
CA ALA A 656 3.06 -18.51 7.67
C ALA A 656 4.12 -18.76 8.80
N HIS A 657 4.60 -17.70 9.47
CA HIS A 657 5.57 -17.80 10.57
C HIS A 657 4.88 -17.90 11.92
N GLN A 658 5.06 -19.02 12.61
CA GLN A 658 4.50 -19.19 13.95
C GLN A 658 5.46 -18.62 14.94
N LEU A 659 4.94 -17.87 15.90
CA LEU A 659 5.76 -17.26 16.93
C LEU A 659 5.50 -18.08 18.17
N GLY A 660 6.48 -18.88 18.55
CA GLY A 660 6.34 -19.72 19.72
C GLY A 660 6.63 -18.95 20.99
N ASN A 661 7.49 -19.52 21.83
CA ASN A 661 7.87 -18.89 23.08
C ASN A 661 8.84 -17.73 22.90
N LEU A 662 8.63 -16.67 23.69
CA LEU A 662 9.47 -15.47 23.70
C LEU A 662 10.80 -15.83 24.34
N ARG A 663 11.90 -15.40 23.74
CA ARG A 663 13.24 -15.62 24.26
C ARG A 663 13.60 -14.29 24.92
N LEU A 664 13.03 -14.05 26.11
CA LEU A 664 13.13 -12.81 26.90
C LEU A 664 14.55 -12.27 27.07
N GLU A 665 15.50 -13.15 27.28
CA GLU A 665 16.90 -12.79 27.45
C GLU A 665 17.49 -12.13 26.21
N GLU A 666 16.91 -12.42 25.03
CA GLU A 666 17.31 -11.86 23.74
C GLU A 666 16.54 -10.60 23.32
N CYS A 667 15.52 -10.21 24.10
CA CYS A 667 14.69 -9.05 23.85
C CYS A 667 15.33 -7.82 24.49
N ARG A 668 15.46 -6.74 23.72
CA ARG A 668 16.07 -5.51 24.24
C ARG A 668 15.37 -4.25 23.73
N ILE A 669 15.58 -3.13 24.44
CA ILE A 669 15.11 -1.83 23.97
C ILE A 669 16.29 -1.28 23.19
N MET A 670 16.11 -1.05 21.88
CA MET A 670 17.19 -0.56 21.03
C MET A 670 17.47 0.92 21.25
N SER A 671 18.69 1.35 20.91
CA SER A 671 19.11 2.75 21.11
C SER A 671 18.85 3.69 19.91
N SER A 672 18.14 3.20 18.88
CA SER A 672 17.77 3.96 17.70
C SER A 672 16.62 4.94 18.04
N ALA A 673 16.35 5.91 17.13
CA ALA A 673 15.29 6.90 17.32
C ALA A 673 13.93 6.27 17.65
N LYS A 674 13.23 6.84 18.67
CA LYS A 674 11.94 6.40 19.21
C LYS A 674 12.05 5.11 20.08
N ARG A 675 13.30 4.63 20.32
CA ARG A 675 13.67 3.45 21.13
C ARG A 675 12.87 2.19 20.80
N PRO A 676 13.04 1.63 19.58
CA PRO A 676 12.25 0.45 19.21
C PRO A 676 12.57 -0.80 20.02
N LEU A 677 11.67 -1.77 19.97
CA LEU A 677 11.80 -3.00 20.70
C LEU A 677 12.28 -4.13 19.82
N TRP A 678 13.41 -4.76 20.16
CA TRP A 678 13.94 -5.90 19.42
C TRP A 678 13.39 -7.13 20.12
N LEU A 679 12.50 -7.88 19.45
CA LEU A 679 11.87 -9.07 20.02
C LEU A 679 12.34 -10.32 19.33
N ASN A 680 12.38 -11.41 20.06
CA ASN A 680 12.89 -12.66 19.56
C ASN A 680 11.99 -13.78 20.05
N TRP A 681 11.48 -14.62 19.11
CA TRP A 681 10.62 -15.78 19.46
C TRP A 681 11.23 -17.04 18.87
N GLU A 682 10.98 -18.18 19.52
CA GLU A 682 11.38 -19.46 18.95
C GLU A 682 10.44 -19.76 17.78
N ASN A 683 10.97 -20.40 16.74
CA ASN A 683 10.15 -20.85 15.62
C ASN A 683 9.81 -22.27 16.03
N PRO A 684 8.53 -22.58 16.34
CA PRO A 684 8.21 -23.92 16.83
C PRO A 684 8.05 -25.00 15.76
N ASP A 685 8.35 -24.68 14.49
CA ASP A 685 8.25 -25.65 13.42
C ASP A 685 9.21 -26.80 13.67
N ILE A 686 8.75 -28.07 13.43
CA ILE A 686 9.55 -29.30 13.59
C ILE A 686 10.88 -29.18 12.85
N MET A 687 10.90 -28.46 11.70
CA MET A 687 12.08 -28.24 10.84
C MET A 687 12.62 -26.80 10.85
N SER A 688 12.46 -26.06 11.96
CA SER A 688 12.90 -24.67 12.09
C SER A 688 14.37 -24.42 11.74
N GLU A 689 15.23 -25.42 11.94
CA GLU A 689 16.67 -25.35 11.65
C GLU A 689 16.95 -25.12 10.17
N LEU A 690 16.06 -25.61 9.29
CA LEU A 690 16.23 -25.45 7.85
C LEU A 690 15.75 -24.10 7.29
N LEU A 691 15.24 -23.19 8.15
CA LEU A 691 14.80 -21.86 7.73
C LEU A 691 15.46 -20.81 8.64
N PHE A 692 15.09 -20.79 9.93
CA PHE A 692 15.60 -19.95 10.99
C PHE A 692 15.07 -20.50 12.33
N GLN A 693 15.95 -20.69 13.30
CA GLN A 693 15.55 -21.21 14.61
C GLN A 693 14.76 -20.17 15.40
N ASN A 694 15.08 -18.87 15.19
CA ASN A 694 14.43 -17.76 15.90
C ASN A 694 13.98 -16.67 14.97
N ASN A 695 12.80 -16.16 15.24
CA ASN A 695 12.23 -15.07 14.46
C ASN A 695 12.51 -13.79 15.22
N GLU A 696 13.20 -12.86 14.59
CA GLU A 696 13.50 -11.58 15.22
C GLU A 696 12.72 -10.47 14.52
N ILE A 697 11.96 -9.68 15.30
CA ILE A 697 11.14 -8.62 14.76
C ILE A 697 11.32 -7.37 15.57
N ILE A 698 11.33 -6.21 14.92
CA ILE A 698 11.36 -4.94 15.60
C ILE A 698 9.92 -4.41 15.69
N PHE A 699 9.52 -3.95 16.86
CA PHE A 699 8.22 -3.36 17.08
C PHE A 699 8.54 -1.90 17.39
N LYS A 700 7.97 -0.96 16.63
CA LYS A 700 8.27 0.46 16.83
C LYS A 700 7.01 1.27 17.10
N ASN A 701 7.10 2.20 18.05
CA ASN A 701 6.03 3.13 18.43
C ASN A 701 6.59 4.54 18.17
N GLY A 702 5.98 5.30 17.25
CA GLY A 702 6.43 6.65 16.94
C GLY A 702 6.55 6.99 15.47
N ASP A 703 6.82 6.01 14.62
CA ASP A 703 6.95 6.24 13.18
C ASP A 703 5.68 5.85 12.42
N ASP A 704 5.36 6.59 11.34
CA ASP A 704 4.26 6.22 10.47
C ASP A 704 4.92 5.24 9.50
N LEU A 705 4.79 3.96 9.79
CA LEU A 705 5.41 2.93 8.97
C LEU A 705 4.73 2.75 7.63
N ARG A 706 3.68 3.52 7.28
CA ARG A 706 3.11 3.45 5.94
C ARG A 706 4.04 4.05 4.90
N GLN A 707 4.88 5.01 5.29
CA GLN A 707 5.91 5.55 4.41
C GLN A 707 6.91 4.45 4.09
N ASP A 708 7.31 3.66 5.09
CA ASP A 708 8.23 2.54 4.93
C ASP A 708 7.59 1.48 4.05
N MET A 709 6.32 1.15 4.29
CA MET A 709 5.60 0.19 3.43
C MET A 709 5.57 0.66 1.95
N LEU A 710 5.32 1.95 1.73
CA LEU A 710 5.27 2.49 0.38
C LEU A 710 6.66 2.45 -0.29
N THR A 711 7.71 2.80 0.45
CA THR A 711 9.09 2.77 -0.09
C THR A 711 9.55 1.35 -0.39
N LEU A 712 9.29 0.43 0.52
CA LEU A 712 9.64 -0.97 0.36
C LEU A 712 8.93 -1.63 -0.81
N GLN A 713 7.70 -1.19 -1.12
CA GLN A 713 6.94 -1.69 -2.28
C GLN A 713 7.60 -1.18 -3.56
N ILE A 714 7.99 0.11 -3.57
CA ILE A 714 8.61 0.76 -4.71
C ILE A 714 9.95 0.10 -5.01
N ILE A 715 10.77 -0.18 -3.99
CA ILE A 715 12.08 -0.85 -4.13
C ILE A 715 11.91 -2.22 -4.79
N ARG A 716 10.89 -2.98 -4.35
CA ARG A 716 10.53 -4.30 -4.90
C ARG A 716 10.15 -4.17 -6.37
N ILE A 717 9.29 -3.21 -6.72
CA ILE A 717 8.90 -2.96 -8.10
C ILE A 717 10.10 -2.56 -8.97
N MET A 718 10.97 -1.64 -8.46
CA MET A 718 12.18 -1.19 -9.17
C MET A 718 13.08 -2.40 -9.44
N GLU A 719 13.24 -3.29 -8.43
CA GLU A 719 14.04 -4.50 -8.59
C GLU A 719 13.48 -5.41 -9.68
N ASN A 720 12.16 -5.57 -9.79
CA ASN A 720 11.56 -6.38 -10.86
C ASN A 720 11.86 -5.74 -12.22
N ILE A 721 11.79 -4.41 -12.33
CA ILE A 721 12.08 -3.70 -13.58
C ILE A 721 13.50 -4.03 -14.04
N TRP A 722 14.46 -3.94 -13.11
CA TRP A 722 15.85 -4.21 -13.36
C TRP A 722 16.07 -5.68 -13.70
N GLN A 723 15.55 -6.60 -12.88
CA GLN A 723 15.70 -8.04 -13.13
C GLN A 723 15.18 -8.43 -14.51
N ASN A 724 13.95 -8.02 -14.88
CA ASN A 724 13.39 -8.34 -16.19
C ASN A 724 14.23 -7.77 -17.36
N GLN A 725 14.93 -6.66 -17.16
CA GLN A 725 15.79 -6.06 -18.19
C GLN A 725 17.22 -6.65 -18.23
N GLY A 726 17.49 -7.68 -17.43
CA GLY A 726 18.83 -8.26 -17.36
C GLY A 726 19.79 -7.52 -16.45
N LEU A 727 19.28 -6.63 -15.61
CA LEU A 727 20.10 -5.86 -14.69
C LEU A 727 20.00 -6.46 -13.28
N ASP A 728 20.98 -7.26 -12.86
CA ASP A 728 20.92 -7.93 -11.57
C ASP A 728 21.30 -7.05 -10.36
N LEU A 729 20.50 -6.02 -10.08
CA LEU A 729 20.76 -5.13 -8.95
C LEU A 729 20.01 -5.65 -7.72
N ARG A 730 20.67 -6.46 -6.89
CA ARG A 730 20.02 -7.09 -5.75
C ARG A 730 19.58 -6.09 -4.66
N MET A 731 18.25 -5.99 -4.48
CA MET A 731 17.69 -5.13 -3.47
C MET A 731 17.20 -5.95 -2.26
N LEU A 732 16.85 -5.29 -1.16
CA LEU A 732 16.37 -5.99 0.02
C LEU A 732 15.09 -5.37 0.59
N PRO A 733 13.93 -5.62 -0.04
CA PRO A 733 12.70 -5.07 0.50
C PRO A 733 12.18 -5.94 1.62
N TYR A 734 12.76 -5.80 2.81
CA TYR A 734 12.32 -6.55 3.98
C TYR A 734 10.88 -6.15 4.34
N GLY A 735 10.22 -6.99 5.09
CA GLY A 735 8.86 -6.79 5.55
C GLY A 735 8.68 -5.63 6.51
N CYS A 736 7.51 -5.01 6.43
CA CYS A 736 7.15 -3.88 7.27
C CYS A 736 5.64 -3.79 7.27
N LEU A 737 5.05 -3.66 8.45
CA LEU A 737 3.61 -3.60 8.55
C LEU A 737 3.15 -2.57 9.54
N SER A 738 2.28 -1.65 9.11
CA SER A 738 1.64 -0.67 9.96
C SER A 738 0.47 -1.40 10.62
N ILE A 739 0.48 -1.43 11.96
CA ILE A 739 -0.47 -2.12 12.85
C ILE A 739 -1.56 -1.16 13.42
N GLY A 740 -1.22 0.10 13.54
CA GLY A 740 -2.13 1.13 14.01
C GLY A 740 -1.53 2.50 13.84
N ASP A 741 -1.97 3.46 14.65
CA ASP A 741 -1.48 4.84 14.60
C ASP A 741 -0.02 4.94 15.02
N CYS A 742 0.88 5.08 14.05
CA CYS A 742 2.32 5.19 14.24
C CYS A 742 2.95 4.00 15.01
N VAL A 743 2.38 2.83 14.86
CA VAL A 743 2.90 1.60 15.46
C VAL A 743 3.02 0.56 14.35
N GLY A 744 3.99 -0.33 14.48
CA GLY A 744 4.18 -1.36 13.49
C GLY A 744 5.36 -2.26 13.74
N LEU A 745 5.55 -3.21 12.80
CA LEU A 745 6.53 -4.26 12.81
C LEU A 745 7.48 -4.11 11.66
N ILE A 746 8.76 -4.46 11.88
CA ILE A 746 9.79 -4.40 10.87
C ILE A 746 10.51 -5.74 10.91
N GLU A 747 10.71 -6.34 9.75
CA GLU A 747 11.40 -7.63 9.65
C GLU A 747 12.90 -7.41 9.78
N VAL A 748 13.54 -8.04 10.78
CA VAL A 748 14.99 -8.03 10.99
C VAL A 748 15.67 -8.91 9.92
N VAL A 749 16.60 -8.35 9.16
CA VAL A 749 17.42 -9.08 8.21
C VAL A 749 18.59 -9.64 9.02
N ARG A 750 18.69 -10.96 9.13
CA ARG A 750 19.75 -11.60 9.93
C ARG A 750 21.14 -11.47 9.30
N ASN A 751 22.20 -11.54 10.13
CA ASN A 751 23.58 -11.44 9.66
C ASN A 751 23.88 -10.09 9.01
N SER A 752 23.26 -9.01 9.51
CA SER A 752 23.50 -7.68 8.95
C SER A 752 24.12 -6.74 9.98
N HIS A 753 24.87 -5.75 9.49
CA HIS A 753 25.58 -4.80 10.37
C HIS A 753 25.52 -3.41 9.74
N THR A 754 25.35 -2.37 10.55
CA THR A 754 25.37 -0.99 10.02
C THR A 754 26.81 -0.62 9.64
N ILE A 755 27.02 0.39 8.76
CA ILE A 755 28.38 0.83 8.42
C ILE A 755 29.07 1.36 9.69
N MET A 756 28.31 2.02 10.59
CA MET A 756 28.85 2.53 11.84
C MET A 756 29.41 1.43 12.72
N GLN A 757 28.74 0.27 12.78
CA GLN A 757 29.20 -0.86 13.57
C GLN A 757 30.46 -1.48 12.96
N ILE A 758 30.57 -1.48 11.63
CA ILE A 758 31.74 -2.00 10.93
C ILE A 758 32.94 -1.05 11.19
N GLN A 759 32.69 0.27 11.18
CA GLN A 759 33.67 1.32 11.41
C GLN A 759 34.12 1.42 12.87
N CYS A 760 33.21 1.16 13.82
CA CYS A 760 33.51 1.18 15.26
C CYS A 760 33.94 -0.20 15.81
N LYS A 761 34.54 -1.01 14.93
CA LYS A 761 35.12 -2.32 15.16
C LYS A 761 36.57 -2.22 14.67
N GLY A 762 36.79 -1.64 13.49
CA GLY A 762 38.12 -1.37 12.98
C GLY A 762 38.69 -0.02 13.43
N GLY A 763 37.91 0.73 14.22
CA GLY A 763 38.30 2.02 14.76
C GLY A 763 38.94 1.87 16.12
N LEU A 764 39.85 2.78 16.43
CA LEU A 764 40.55 2.74 17.70
C LEU A 764 40.04 3.84 18.64
N LYS A 765 39.96 3.51 19.95
CA LYS A 765 39.52 4.40 21.02
C LYS A 765 40.43 5.63 21.07
N GLY A 766 39.84 6.81 20.98
CA GLY A 766 40.62 8.05 21.04
C GLY A 766 41.00 8.62 19.68
N ALA A 767 40.95 7.78 18.64
CA ALA A 767 41.28 8.14 17.27
C ALA A 767 40.02 8.63 16.50
N LEU A 768 40.24 9.28 15.35
CA LEU A 768 39.13 9.78 14.53
C LEU A 768 38.30 8.62 14.01
N GLN A 769 37.05 8.52 14.49
CA GLN A 769 36.12 7.48 14.06
C GLN A 769 35.53 7.79 12.65
N PHE A 770 34.74 6.85 12.08
CA PHE A 770 34.12 6.96 10.75
C PHE A 770 35.16 7.06 9.60
N ASN A 771 36.30 6.34 9.74
CA ASN A 771 37.38 6.29 8.73
C ASN A 771 36.86 5.62 7.43
N SER A 772 37.27 6.12 6.26
CA SER A 772 36.81 5.64 4.96
C SER A 772 37.63 4.48 4.34
N HIS A 773 38.07 3.52 5.16
CA HIS A 773 38.75 2.31 4.66
C HIS A 773 38.44 1.04 5.48
N THR A 774 37.63 1.17 6.54
CA THR A 774 37.28 0.07 7.41
C THR A 774 36.32 -0.92 6.72
N LEU A 775 35.29 -0.38 6.03
CA LEU A 775 34.28 -1.19 5.34
C LEU A 775 34.89 -2.27 4.43
N HIS A 776 35.79 -1.87 3.54
CA HIS A 776 36.44 -2.79 2.63
C HIS A 776 37.29 -3.83 3.36
N GLN A 777 37.98 -3.41 4.43
CA GLN A 777 38.81 -4.32 5.21
C GLN A 777 37.97 -5.41 5.88
N TRP A 778 36.83 -5.04 6.50
CA TRP A 778 35.92 -5.98 7.17
C TRP A 778 35.34 -7.00 6.19
N LEU A 779 35.07 -6.58 4.96
CA LEU A 779 34.52 -7.43 3.91
C LEU A 779 35.54 -8.44 3.43
N LYS A 780 36.82 -8.05 3.36
CA LYS A 780 37.89 -8.97 2.92
C LYS A 780 38.12 -10.05 3.99
N ASP A 781 38.07 -9.68 5.27
CA ASP A 781 38.22 -10.63 6.36
C ASP A 781 37.05 -11.63 6.41
N LYS A 782 35.85 -11.20 5.97
CA LYS A 782 34.65 -12.05 5.91
C LYS A 782 34.63 -12.92 4.62
N ASN A 783 35.26 -12.46 3.53
CA ASN A 783 35.29 -13.22 2.28
C ASN A 783 36.72 -13.41 1.77
N LYS A 784 37.36 -14.49 2.20
CA LYS A 784 38.71 -14.80 1.77
C LYS A 784 38.64 -15.82 0.64
N GLY A 785 39.40 -15.57 -0.43
CA GLY A 785 39.47 -16.48 -1.57
C GLY A 785 38.70 -16.07 -2.81
N GLU A 786 38.06 -17.06 -3.45
CA GLU A 786 37.23 -16.84 -4.65
C GLU A 786 35.95 -16.09 -4.27
N ILE A 787 35.42 -16.36 -3.07
CA ILE A 787 34.22 -15.73 -2.54
C ILE A 787 34.40 -14.19 -2.33
N TYR A 788 35.64 -13.66 -2.49
CA TYR A 788 35.95 -12.25 -2.37
C TYR A 788 35.40 -11.51 -3.60
N ASP A 789 35.62 -12.06 -4.79
CA ASP A 789 35.17 -11.44 -6.03
C ASP A 789 33.66 -11.30 -6.06
N ALA A 790 32.95 -12.33 -5.59
CA ALA A 790 31.50 -12.38 -5.55
C ALA A 790 30.93 -11.34 -4.58
N ALA A 791 31.61 -11.10 -3.45
CA ALA A 791 31.20 -10.14 -2.44
C ALA A 791 31.34 -8.70 -2.93
N ILE A 792 32.44 -8.39 -3.65
CA ILE A 792 32.69 -7.07 -4.23
C ILE A 792 31.65 -6.79 -5.33
N ASP A 793 31.35 -7.81 -6.12
CA ASP A 793 30.36 -7.71 -7.17
C ASP A 793 28.94 -7.51 -6.59
N LEU A 794 28.57 -8.29 -5.56
CA LEU A 794 27.27 -8.15 -4.93
C LEU A 794 27.11 -6.75 -4.30
N PHE A 795 28.18 -6.27 -3.60
CA PHE A 795 28.23 -4.96 -2.98
C PHE A 795 28.01 -3.85 -4.00
N THR A 796 28.67 -3.96 -5.17
CA THR A 796 28.64 -3.00 -6.26
C THR A 796 27.22 -2.90 -6.85
N ARG A 797 26.62 -4.07 -7.19
CA ARG A 797 25.27 -4.13 -7.76
CA ARG A 797 25.27 -4.12 -7.75
C ARG A 797 24.21 -3.63 -6.77
N SER A 798 24.31 -4.05 -5.48
CA SER A 798 23.34 -3.63 -4.49
C SER A 798 23.50 -2.15 -4.13
N CYS A 799 24.75 -1.66 -4.12
CA CYS A 799 25.04 -0.25 -3.84
C CYS A 799 24.55 0.60 -5.03
N ALA A 800 24.71 0.10 -6.27
CA ALA A 800 24.22 0.79 -7.45
C ALA A 800 22.70 0.93 -7.39
N GLY A 801 21.98 -0.13 -7.03
CA GLY A 801 20.54 -0.07 -6.95
C GLY A 801 20.04 0.85 -5.87
N TYR A 802 20.70 0.81 -4.70
CA TYR A 802 20.30 1.69 -3.60
C TYR A 802 20.71 3.16 -3.79
N CYS A 803 21.75 3.45 -4.58
CA CYS A 803 22.14 4.84 -4.87
C CYS A 803 21.09 5.45 -5.77
N VAL A 804 20.68 4.72 -6.81
CA VAL A 804 19.65 5.16 -7.73
C VAL A 804 18.32 5.28 -7.02
N ALA A 805 17.92 4.27 -6.23
CA ALA A 805 16.65 4.31 -5.54
C ALA A 805 16.56 5.46 -4.55
N THR A 806 17.53 5.57 -3.62
CA THR A 806 17.52 6.65 -2.62
C THR A 806 17.58 8.03 -3.32
N PHE A 807 18.26 8.13 -4.47
CA PHE A 807 18.31 9.35 -5.26
C PHE A 807 16.93 9.73 -5.83
N ILE A 808 16.29 8.81 -6.57
CA ILE A 808 15.00 9.06 -7.22
C ILE A 808 13.91 9.43 -6.21
N LEU A 809 13.91 8.73 -5.09
CA LEU A 809 12.91 8.94 -4.06
C LEU A 809 13.25 9.99 -3.03
N GLY A 810 14.48 10.51 -3.06
CA GLY A 810 14.96 11.53 -2.11
C GLY A 810 14.90 11.05 -0.67
N ILE A 811 15.51 9.91 -0.40
CA ILE A 811 15.49 9.33 0.94
C ILE A 811 16.57 10.02 1.79
N GLY A 812 16.15 10.63 2.88
CA GLY A 812 17.03 11.34 3.80
C GLY A 812 17.45 10.52 5.00
N ASP A 813 18.32 11.14 5.83
CA ASP A 813 18.95 10.54 7.02
C ASP A 813 19.79 9.36 6.58
N ARG A 814 20.59 9.57 5.52
CA ARG A 814 21.43 8.50 5.01
C ARG A 814 22.75 8.40 5.81
N HIS A 815 22.63 8.49 7.13
CA HIS A 815 23.79 8.29 8.01
C HIS A 815 24.12 6.80 8.05
N ASN A 816 25.34 6.47 8.49
CA ASN A 816 25.88 5.12 8.51
C ASN A 816 25.25 4.17 9.52
N SER A 817 24.21 4.60 10.22
CA SER A 817 23.45 3.69 11.09
C SER A 817 22.13 3.21 10.39
N ASN A 818 21.76 3.85 9.25
CA ASN A 818 20.60 3.54 8.40
C ASN A 818 21.03 2.84 7.08
N ILE A 819 22.33 2.57 6.90
CA ILE A 819 22.89 1.86 5.76
C ILE A 819 23.55 0.61 6.31
N MET A 820 23.11 -0.56 5.86
CA MET A 820 23.55 -1.85 6.37
C MET A 820 24.20 -2.73 5.33
N VAL A 821 25.01 -3.71 5.79
CA VAL A 821 25.72 -4.64 4.91
C VAL A 821 25.65 -6.05 5.50
N LYS A 822 25.52 -7.04 4.63
CA LYS A 822 25.53 -8.44 5.05
C LYS A 822 26.95 -9.00 4.80
N ASP A 823 27.29 -10.10 5.47
CA ASP A 823 28.59 -10.78 5.36
C ASP A 823 29.01 -11.08 3.92
N ASP A 824 28.06 -11.41 3.06
CA ASP A 824 28.32 -11.71 1.65
C ASP A 824 28.50 -10.49 0.72
N GLY A 825 28.45 -9.29 1.29
CA GLY A 825 28.64 -8.06 0.52
C GLY A 825 27.37 -7.27 0.24
N GLN A 826 26.19 -7.86 0.47
CA GLN A 826 24.92 -7.19 0.16
C GLN A 826 24.61 -5.95 0.97
N LEU A 827 24.51 -4.79 0.29
CA LEU A 827 24.18 -3.54 0.95
C LEU A 827 22.69 -3.18 0.78
N PHE A 828 22.07 -2.65 1.84
CA PHE A 828 20.70 -2.21 1.84
C PHE A 828 20.50 -1.01 2.79
N HIS A 829 19.43 -0.25 2.55
CA HIS A 829 19.05 0.89 3.38
C HIS A 829 17.86 0.55 4.28
N ILE A 830 17.72 1.30 5.36
CA ILE A 830 16.61 1.15 6.32
C ILE A 830 16.06 2.54 6.70
N ASP A 831 14.89 2.59 7.34
CA ASP A 831 14.30 3.84 7.83
C ASP A 831 13.97 4.81 6.71
N PHE A 832 12.71 4.80 6.32
CA PHE A 832 12.23 5.67 5.27
C PHE A 832 11.25 6.72 5.82
N GLY A 833 11.55 7.23 7.01
CA GLY A 833 10.79 8.31 7.65
C GLY A 833 10.94 9.65 6.96
N HIS A 834 11.91 9.76 6.04
CA HIS A 834 12.08 10.91 5.22
C HIS A 834 12.24 10.46 3.79
N PHE A 835 11.37 10.93 2.93
CA PHE A 835 11.43 10.73 1.50
C PHE A 835 10.87 11.99 0.81
N LEU A 836 11.05 12.08 -0.51
CA LEU A 836 10.50 13.14 -1.35
C LEU A 836 11.06 14.55 -1.09
N ASP A 837 12.30 14.61 -0.65
CA ASP A 837 12.96 15.90 -0.44
C ASP A 837 14.45 15.72 -0.32
N HIS A 838 15.18 16.82 -0.52
CA HIS A 838 16.59 16.81 -0.27
C HIS A 838 16.82 17.43 1.12
N LYS A 839 16.80 16.58 2.17
CA LYS A 839 17.07 17.00 3.56
C LYS A 839 18.58 17.14 3.68
N LYS A 840 19.08 18.38 3.62
CA LYS A 840 20.53 18.63 3.67
C LYS A 840 21.08 18.82 5.09
N LYS A 841 22.18 18.10 5.40
CA LYS A 841 22.88 18.18 6.67
C LYS A 841 23.27 19.63 7.00
N LYS A 842 23.32 19.99 8.29
CA LYS A 842 23.68 21.36 8.68
C LYS A 842 25.20 21.66 8.60
N PHE A 843 26.04 20.60 8.52
CA PHE A 843 27.49 20.72 8.48
C PHE A 843 28.11 19.51 7.74
N GLY A 844 29.26 19.77 7.10
CA GLY A 844 30.03 18.77 6.38
C GLY A 844 30.57 19.29 5.05
N TYR A 845 31.27 18.42 4.32
CA TYR A 845 31.81 18.78 3.01
C TYR A 845 30.73 18.84 1.93
N LYS A 846 30.99 19.61 0.85
CA LYS A 846 30.06 19.80 -0.27
C LYS A 846 29.61 18.47 -0.91
N ARG A 847 30.56 17.56 -1.22
CA ARG A 847 30.30 16.24 -1.81
C ARG A 847 29.53 15.29 -0.88
N GLU A 848 29.59 15.51 0.45
CA GLU A 848 28.86 14.72 1.45
C GLU A 848 27.45 15.29 1.73
N ARG A 849 27.01 16.33 1.01
CA ARG A 849 25.71 16.96 1.27
C ARG A 849 24.86 17.16 0.00
N VAL A 850 25.15 16.37 -1.06
CA VAL A 850 24.41 16.45 -2.32
C VAL A 850 23.31 15.35 -2.37
N PRO A 851 22.24 15.52 -3.19
CA PRO A 851 21.15 14.51 -3.20
C PRO A 851 21.53 13.05 -3.49
N PHE A 852 22.61 12.83 -4.25
CA PHE A 852 23.06 11.48 -4.55
C PHE A 852 24.05 11.07 -3.46
N VAL A 853 23.71 10.03 -2.71
CA VAL A 853 24.54 9.60 -1.60
C VAL A 853 25.44 8.43 -1.98
N LEU A 854 26.73 8.71 -2.10
CA LEU A 854 27.74 7.71 -2.40
C LEU A 854 28.98 8.10 -1.61
N THR A 855 29.32 7.32 -0.59
CA THR A 855 30.45 7.64 0.28
C THR A 855 31.78 7.16 -0.28
N GLN A 856 32.89 7.72 0.26
CA GLN A 856 34.26 7.34 -0.07
C GLN A 856 34.51 5.87 0.32
N ASP A 857 33.90 5.43 1.45
CA ASP A 857 33.93 4.07 1.98
C ASP A 857 33.43 3.05 0.95
N PHE A 858 32.35 3.39 0.18
CA PHE A 858 31.79 2.49 -0.82
C PHE A 858 32.68 2.39 -2.04
N LEU A 859 33.28 3.52 -2.45
CA LEU A 859 34.20 3.61 -3.59
C LEU A 859 35.44 2.76 -3.40
N ILE A 860 35.92 2.63 -2.15
CA ILE A 860 37.07 1.79 -1.83
C ILE A 860 36.71 0.31 -2.03
N VAL A 861 35.49 -0.12 -1.59
CA VAL A 861 35.00 -1.50 -1.78
C VAL A 861 34.81 -1.81 -3.27
N ILE A 862 34.07 -0.94 -3.99
CA ILE A 862 33.78 -1.07 -5.41
C ILE A 862 35.07 -1.20 -6.26
N SER A 863 36.11 -0.42 -5.90
CA SER A 863 37.38 -0.47 -6.63
C SER A 863 38.39 -1.50 -6.09
N LYS A 864 37.98 -2.36 -5.15
CA LYS A 864 38.79 -3.43 -4.56
C LYS A 864 40.02 -2.97 -3.77
N GLY A 865 40.01 -1.72 -3.32
CA GLY A 865 41.09 -1.20 -2.51
C GLY A 865 41.92 -0.07 -3.12
N ALA A 866 41.79 0.18 -4.43
CA ALA A 866 42.57 1.23 -5.10
C ALA A 866 42.45 2.62 -4.46
N GLN A 867 43.51 3.42 -4.52
CA GLN A 867 43.49 4.77 -3.95
C GLN A 867 42.82 5.76 -4.92
N GLU A 868 43.01 5.57 -6.23
CA GLU A 868 42.39 6.41 -7.25
C GLU A 868 41.13 5.65 -7.72
N CYS A 869 40.18 5.43 -6.80
CA CYS A 869 38.94 4.66 -6.99
C CYS A 869 38.03 5.24 -8.08
N THR A 870 37.87 6.57 -8.19
CA THR A 870 37.05 7.15 -9.25
C THR A 870 37.66 7.00 -10.65
N LYS A 871 38.85 6.38 -10.77
CA LYS A 871 39.55 6.20 -12.04
C LYS A 871 39.70 4.73 -12.49
N THR A 872 39.33 3.77 -11.64
CA THR A 872 39.46 2.36 -11.96
C THR A 872 38.41 1.89 -12.99
N ARG A 873 38.63 0.71 -13.59
CA ARG A 873 37.66 0.15 -14.53
C ARG A 873 36.40 -0.36 -13.80
N GLU A 874 36.52 -0.72 -12.51
CA GLU A 874 35.41 -1.19 -11.69
C GLU A 874 34.43 -0.07 -11.38
N PHE A 875 34.91 1.17 -11.29
CA PHE A 875 34.07 2.36 -11.07
C PHE A 875 33.30 2.72 -12.33
N GLU A 876 33.89 2.48 -13.52
CA GLU A 876 33.24 2.71 -14.80
C GLU A 876 32.05 1.75 -14.94
N ARG A 877 32.25 0.48 -14.56
CA ARG A 877 31.24 -0.58 -14.61
C ARG A 877 30.08 -0.29 -13.62
N PHE A 878 30.41 0.27 -12.42
CA PHE A 878 29.43 0.70 -11.41
C PHE A 878 28.63 1.91 -11.95
N GLN A 879 29.31 2.83 -12.67
CA GLN A 879 28.68 4.01 -13.26
C GLN A 879 27.68 3.58 -14.33
N GLU A 880 28.07 2.62 -15.19
CA GLU A 880 27.20 2.15 -16.26
C GLU A 880 25.94 1.48 -15.68
N MET A 881 26.09 0.77 -14.54
CA MET A 881 24.98 0.14 -13.83
C MET A 881 23.99 1.22 -13.38
N CYS A 882 24.50 2.29 -12.76
CA CYS A 882 23.67 3.40 -12.30
C CYS A 882 22.93 4.07 -13.45
N TYR A 883 23.60 4.28 -14.60
CA TYR A 883 22.96 4.95 -15.76
C TYR A 883 21.80 4.11 -16.28
N LYS A 884 22.02 2.81 -16.50
CA LYS A 884 20.97 1.92 -16.97
C LYS A 884 19.83 1.76 -15.95
N ALA A 885 20.16 1.67 -14.66
CA ALA A 885 19.13 1.55 -13.63
C ALA A 885 18.26 2.79 -13.57
N TYR A 886 18.87 3.95 -13.74
CA TYR A 886 18.16 5.21 -13.74
C TYR A 886 17.20 5.30 -14.92
N LEU A 887 17.67 4.90 -16.12
CA LEU A 887 16.83 4.99 -17.31
C LEU A 887 15.69 3.98 -17.31
N ALA A 888 15.90 2.78 -16.74
CA ALA A 888 14.86 1.75 -16.66
C ALA A 888 13.68 2.21 -15.79
N ILE A 889 13.98 2.96 -14.72
CA ILE A 889 12.93 3.50 -13.85
C ILE A 889 12.26 4.69 -14.49
N ARG A 890 12.99 5.50 -15.28
CA ARG A 890 12.40 6.66 -15.97
C ARG A 890 11.39 6.21 -17.02
N GLN A 891 11.57 5.01 -17.60
CA GLN A 891 10.64 4.45 -18.57
C GLN A 891 9.32 4.03 -17.91
N HIS A 892 9.35 3.67 -16.62
CA HIS A 892 8.15 3.31 -15.87
C HIS A 892 7.68 4.39 -14.91
N ALA A 893 8.08 5.63 -15.13
CA ALA A 893 7.73 6.75 -14.27
C ALA A 893 6.25 6.88 -13.96
N ASN A 894 5.36 6.71 -14.96
CA ASN A 894 3.92 6.87 -14.75
C ASN A 894 3.38 6.00 -13.62
N LEU A 895 3.86 4.74 -13.55
CA LEU A 895 3.52 3.78 -12.51
C LEU A 895 3.90 4.34 -11.14
N PHE A 896 5.18 4.76 -10.97
CA PHE A 896 5.69 5.30 -9.72
C PHE A 896 4.98 6.57 -9.28
N ILE A 897 4.76 7.51 -10.19
CA ILE A 897 4.03 8.74 -9.87
C ILE A 897 2.61 8.42 -9.38
N ASN A 898 1.96 7.46 -10.06
CA ASN A 898 0.62 6.99 -9.71
C ASN A 898 0.53 6.28 -8.34
N LEU A 899 1.54 5.45 -7.98
CA LEU A 899 1.56 4.77 -6.68
C LEU A 899 1.67 5.74 -5.52
N PHE A 900 2.41 6.84 -5.69
CA PHE A 900 2.52 7.90 -4.68
C PHE A 900 1.23 8.70 -4.63
N SER A 901 0.72 9.06 -5.81
CA SER A 901 -0.48 9.87 -5.99
C SER A 901 -1.70 9.21 -5.39
N MET A 902 -1.79 7.87 -5.44
CA MET A 902 -2.90 7.16 -4.83
C MET A 902 -2.90 7.27 -3.29
N MET A 903 -1.72 7.49 -2.71
CA MET A 903 -1.49 7.63 -1.27
C MET A 903 -1.55 9.08 -0.77
N LEU A 904 -1.76 10.07 -1.67
CA LEU A 904 -1.77 11.48 -1.33
C LEU A 904 -2.73 11.91 -0.21
N GLY A 905 -3.83 11.18 -0.04
CA GLY A 905 -4.75 11.47 1.06
C GLY A 905 -4.59 10.58 2.30
N SER A 906 -3.43 9.95 2.49
CA SER A 906 -3.24 9.03 3.64
C SER A 906 -2.92 9.71 4.95
N GLY A 907 -2.28 10.87 4.88
CA GLY A 907 -1.86 11.57 6.08
C GLY A 907 -0.45 11.19 6.48
N MET A 908 0.38 10.78 5.49
CA MET A 908 1.76 10.43 5.76
C MET A 908 2.52 11.75 5.87
N PRO A 909 3.24 11.95 6.98
CA PRO A 909 3.93 13.23 7.19
C PRO A 909 4.74 13.80 6.02
N GLU A 910 5.43 12.96 5.24
CA GLU A 910 6.25 13.46 4.13
C GLU A 910 5.56 13.46 2.75
N LEU A 911 4.30 13.04 2.68
CA LEU A 911 3.55 13.02 1.42
C LEU A 911 2.20 13.70 1.70
N GLN A 912 2.15 15.04 1.63
CA GLN A 912 0.92 15.77 1.95
C GLN A 912 0.39 16.60 0.77
N SER A 913 1.19 16.81 -0.27
CA SER A 913 0.75 17.57 -1.44
C SER A 913 1.44 17.09 -2.72
N PHE A 914 0.95 17.57 -3.90
CA PHE A 914 1.54 17.26 -5.20
C PHE A 914 2.97 17.80 -5.34
N ASP A 915 3.36 18.80 -4.53
CA ASP A 915 4.71 19.35 -4.52
C ASP A 915 5.73 18.31 -4.02
N ASP A 916 5.30 17.41 -3.12
CA ASP A 916 6.15 16.35 -2.64
C ASP A 916 6.42 15.34 -3.75
N ILE A 917 5.38 15.00 -4.54
CA ILE A 917 5.51 14.06 -5.66
C ILE A 917 6.28 14.69 -6.81
N ALA A 918 6.18 16.01 -6.97
CA ALA A 918 6.93 16.75 -7.99
C ALA A 918 8.43 16.55 -7.85
N TYR A 919 8.92 16.12 -6.66
CA TYR A 919 10.32 15.81 -6.41
C TYR A 919 10.76 14.64 -7.30
N ILE A 920 9.88 13.64 -7.52
CA ILE A 920 10.19 12.51 -8.40
C ILE A 920 10.23 12.95 -9.86
N ARG A 921 9.37 13.89 -10.25
CA ARG A 921 9.34 14.44 -11.61
C ARG A 921 10.68 15.18 -11.92
N LYS A 922 11.30 15.79 -10.89
CA LYS A 922 12.60 16.45 -11.00
C LYS A 922 13.73 15.41 -11.07
N THR A 923 13.81 14.43 -10.14
CA THR A 923 14.90 13.44 -10.18
C THR A 923 14.80 12.56 -11.41
N LEU A 924 13.59 12.25 -11.85
CA LEU A 924 13.40 11.51 -13.09
C LEU A 924 13.52 12.44 -14.31
N ALA A 925 13.54 13.78 -14.12
CA ALA A 925 13.67 14.82 -15.13
C ALA A 925 12.68 14.58 -16.27
N LEU A 926 11.41 14.33 -15.91
CA LEU A 926 10.34 14.01 -16.85
C LEU A 926 10.02 15.13 -17.85
N ASP A 927 10.41 16.39 -17.52
CA ASP A 927 10.22 17.53 -18.42
C ASP A 927 11.44 17.80 -19.34
N LYS A 928 12.34 16.83 -19.46
CA LYS A 928 13.48 16.91 -20.34
C LYS A 928 13.34 15.74 -21.36
N THR A 929 14.37 15.49 -22.16
CA THR A 929 14.37 14.38 -23.11
C THR A 929 15.17 13.23 -22.47
N GLU A 930 15.10 12.00 -23.02
CA GLU A 930 15.88 10.88 -22.48
C GLU A 930 17.38 11.21 -22.33
N GLN A 931 17.98 11.84 -23.36
CA GLN A 931 19.38 12.22 -23.32
C GLN A 931 19.66 13.32 -22.31
N GLU A 932 18.73 14.27 -22.16
CA GLU A 932 18.88 15.38 -21.23
C GLU A 932 18.76 14.95 -19.76
N ALA A 933 17.93 13.91 -19.49
CA ALA A 933 17.76 13.36 -18.15
C ALA A 933 19.01 12.58 -17.73
N LEU A 934 19.59 11.80 -18.66
CA LEU A 934 20.80 11.04 -18.40
C LEU A 934 21.96 11.97 -18.01
N GLU A 935 22.12 13.11 -18.70
CA GLU A 935 23.17 14.07 -18.40
C GLU A 935 22.92 14.79 -17.05
N TYR A 936 21.63 14.98 -16.68
CA TYR A 936 21.24 15.55 -15.40
C TYR A 936 21.69 14.56 -14.31
N PHE A 937 21.39 13.27 -14.50
CA PHE A 937 21.77 12.19 -13.57
C PHE A 937 23.29 12.01 -13.44
N MET A 938 24.02 12.22 -14.54
CA MET A 938 25.48 12.15 -14.57
C MET A 938 26.08 13.28 -13.76
N LYS A 939 25.50 14.49 -13.87
CA LYS A 939 25.93 15.66 -13.11
C LYS A 939 25.70 15.43 -11.61
N GLN A 940 24.58 14.74 -11.24
CA GLN A 940 24.24 14.44 -9.84
C GLN A 940 25.19 13.41 -9.26
N MET A 941 25.55 12.39 -10.07
CA MET A 941 26.48 11.33 -9.66
C MET A 941 27.86 11.96 -9.42
N ASN A 942 28.31 12.83 -10.35
CA ASN A 942 29.60 13.50 -10.27
C ASN A 942 29.70 14.47 -9.10
N ASP A 943 28.57 15.04 -8.65
CA ASP A 943 28.57 15.92 -7.49
C ASP A 943 28.92 15.20 -6.18
N ALA A 944 28.67 13.88 -6.12
CA ALA A 944 28.94 13.06 -4.93
C ALA A 944 30.40 12.62 -4.76
N HIS A 945 31.30 13.06 -5.64
CA HIS A 945 32.71 12.72 -5.58
C HIS A 945 33.56 13.70 -6.38
C4 VXY B . 13.56 1.65 12.37
C6 VXY B . 13.81 0.75 10.16
C5 VXY B . 14.24 0.77 11.50
C28 VXY B . 16.20 0.20 12.98
C8 VXY B . 15.33 -0.10 11.92
C12 VXY B . 17.32 -0.67 13.21
C10 VXY B . 16.56 -2.02 11.47
C2 VXY B . 12.22 2.36 10.61
C21 VXY B . 21.45 -4.00 15.12
C17 VXY B . 20.33 -0.51 15.50
C18 VXY B . 21.37 -1.60 15.74
C31 VXY B . 17.67 -4.22 11.13
C35 VXY B . 15.62 -3.63 9.86
C20 VXY B . 19.59 -2.50 14.29
C32 VXY B . 18.05 -5.11 9.94
C34 VXY B . 16.13 -4.56 8.75
C14 VXY B . 19.57 -0.96 14.22
C15 VXY B . 20.34 -0.49 12.96
C24 VXY B . 21.34 -6.25 14.39
C25 VXY B . 21.39 -6.56 12.85
N3 VXY B . 12.57 2.48 11.96
N7 VXY B . 12.82 1.52 9.68
N9 VXY B . 15.49 -1.22 11.17
N11 VXY B . 17.51 -1.79 12.46
N30 VXY B . 16.79 -3.13 10.63
N19 VXY B . 20.76 -2.80 15.12
N1 VXY B . 11.19 3.15 10.18
N13 VXY B . 18.21 -0.40 14.25
O22 VXY B . 22.52 -4.21 15.66
O33 VXY B . 16.91 -5.60 9.30
O16 VXY B . 20.29 0.91 12.97
O23 VXY B . 20.74 -5.00 14.49
F29 VXY B . 16.03 1.26 13.75
F26 VXY B . 20.27 -7.22 12.46
F27 VXY B . 21.33 -5.42 12.15
H38 VXY B . 13.75 1.73 13.44
H39 VXY B . 14.26 0.10 9.40
H44 VXY B . 19.65 -0.41 16.38
H45 VXY B . 20.80 0.49 15.40
H47 VXY B . 21.57 -1.78 16.82
H46 VXY B . 22.36 -1.36 15.30
H53 VXY B . 17.17 -4.80 11.94
H54 VXY B . 18.61 -3.79 11.57
H60 VXY B . 14.88 -4.16 10.52
H59 VXY B . 15.04 -2.80 9.39
H49 VXY B . 19.66 -2.99 13.29
H48 VXY B . 18.67 -2.92 14.75
H55 VXY B . 18.74 -4.60 9.23
H56 VXY B . 18.58 -6.03 10.29
H58 VXY B . 16.67 -4.00 7.96
H57 VXY B . 15.29 -5.09 8.25
H42 VXY B . 21.40 -0.85 13.01
H41 VXY B . 19.91 -0.92 12.03
H50 VXY B . 20.71 -6.96 14.94
H51 VXY B . 22.37 -6.35 14.82
H52 VXY B . 22.30 -7.16 12.57
H37 VXY B . 10.90 3.12 9.22
H36 VXY B . 10.73 3.80 10.80
H40 VXY B . 18.13 0.51 14.69
H43 VXY B . 20.59 1.21 12.12
#